data_9K0K
#
_entry.id   9K0K
#
_cell.length_a   1.00
_cell.length_b   1.00
_cell.length_c   1.00
_cell.angle_alpha   90.00
_cell.angle_beta   90.00
_cell.angle_gamma   90.00
#
_symmetry.space_group_name_H-M   'P 1'
#
loop_
_entity.id
_entity.type
_entity.pdbx_description
1 polymer 'Guanine nucleotide-binding protein G(s) subunit alpha isoforms short'
2 polymer 'Guanine nucleotide-binding protein G(I)/G(S)/G(T) subunit beta-1'
3 polymer 'Guanine nucleotide-binding protein G(I)/G(S)/G(O) subunit gamma-2'
4 polymer 'Nanobody 35'
5 polymer 'P2Y purinoceptor 4'
6 non-polymer "URIDINE 5'-TRIPHOSPHATE"
#
loop_
_entity_poly.entity_id
_entity_poly.type
_entity_poly.pdbx_seq_one_letter_code
_entity_poly.pdbx_strand_id
1 'polypeptide(L)'
;TLSAEDKAAVERSKMIEKQLQKDKQVYRATHRLLLLGADNSGKSTIVKQMRILHGGSGGSGGTSGIFETKFQVDKVNFHM
FDVGGQRDERRKWIQCFNDVTAIIFVVDSSDYNRLQEALNDFKSIWNNRWLRTISVILFLNKQDLLAEKVLAGKSKIEDY
FPEFARYTTPEDATPEPGEDPRVTRAKYFIRDEFLRISTASGDGRHYCYPHFTCAVDTENARRIFNDCKDIILQMNLREY
NLV
;
A
2 'polypeptide(L)'
;MHHHHHHLEVLFQGPGSSGSELDQLRQEAEQLKNQIRDARKACADATLSQITNNIDPVGRIQMRTRRTLRGHLAKIYAMH
WGTDSRLLVSASQDGKLIIWDSYTTNKVHAIPLRSSWVMTCAYAPSGNYVACGGLDNICSIYNLKTREGNVRVSRELAGH
TGYLSCCRFLDDNQIVTSSGDTTCALWDIETGQQTTTFTGHTGDVMSLSLAPDTRLFVSGACDASAKLWDVREGMCRQTF
TGHESDINAICFFPNGNAFATGSDDATCRLFDLRADQELMTYSHDNIICGITSVSFSKSGRLLLAGYDDFNCNVWDALKA
DRAGVLAGHDNRVSCLGVTDDGMAVATGSWDSFLKIWN
;
B
3 'polypeptide(L)' MASNNTASIAQARKLVEQLKMEANIDRIKVSKAAADLMAYCEAHAKEDPLLTPVPASENPFREKKFFCAIL G
4 'polypeptide(L)'
;QVQLQESGGGLVQPGGSLRLSCAASGFTFSNYKMNWVRQAPGKGLEWVSDISQSGASISYTGSVKGRFTISRDNAKNTLY
LQMNSLKPEDTAVYYCARCPAPFTPFCFDVTSTTYAYRGQGTQVTVSSHHHHHH
;
N
5 'polypeptide(L)'
;MKTIIALSYIFCLVFADYKDDDDAMASTESSLLRSLGLSPGPGSSEVELDCWFDEDFKFILLPVSYAVVFVLGLGLNAPT
LWLFIFRLRPWDATATYMFHLALSDTLYVLSLPTLIYYYAAHNHWPFGTEICKFVRFLFYWNLYCSVLFLTCISVHRYLG
ICHPLRALRWGRPRLAGLLCLAVWLVVAGCLVPNLFFVTTSNKGTTVLCHDTTRPEEFDHYVHFSSAVMGLLFGVPCLVT
LVCYGLMARRLYQPLPGSAQSSSRLRSLRTIAVVLTVFAVCFVPFHITRTIYYLARLLEADCRVLNIVNVVYKVTRPLAS
ANSCLDPVLYLLTGDKYRRQLRQLCGGGKPQPRTAASSLALVSLPEDSSCRWAATPQDSSCSTPRADRLHHHHHHGGSGG
LEVLFQGP
;
I
#
loop_
_chem_comp.id
_chem_comp.type
_chem_comp.name
_chem_comp.formula
UTP non-polymer 'URIDINE 5'-TRIPHOSPHATE' 'C9 H15 N2 O15 P3'
#
# COMPACT_ATOMS: atom_id res chain seq x y z
N THR A 1 37.82 -3.46 -10.40
CA THR A 1 37.49 -3.93 -9.06
C THR A 1 37.23 -2.75 -8.12
N LEU A 2 38.30 -2.23 -7.53
CA LEU A 2 38.23 -1.09 -6.61
C LEU A 2 39.27 -0.07 -7.07
N SER A 3 38.86 0.82 -7.99
CA SER A 3 39.73 1.85 -8.49
C SER A 3 39.56 3.13 -7.68
N ALA A 4 40.33 4.16 -8.03
CA ALA A 4 40.22 5.45 -7.34
C ALA A 4 38.85 6.08 -7.57
N GLU A 5 38.35 6.03 -8.80
CA GLU A 5 37.02 6.56 -9.07
C GLU A 5 35.93 5.69 -8.46
N ASP A 6 36.11 4.36 -8.51
CA ASP A 6 35.11 3.46 -7.94
C ASP A 6 35.02 3.60 -6.43
N LYS A 7 36.15 3.76 -5.75
CA LYS A 7 36.11 3.96 -4.31
C LYS A 7 35.43 5.27 -3.94
N ALA A 8 35.69 6.33 -4.70
CA ALA A 8 35.02 7.60 -4.46
C ALA A 8 33.52 7.50 -4.70
N ALA A 9 33.12 6.78 -5.76
CA ALA A 9 31.70 6.59 -6.04
C ALA A 9 31.03 5.79 -4.93
N VAL A 10 31.69 4.75 -4.43
CA VAL A 10 31.13 3.95 -3.34
C VAL A 10 31.01 4.79 -2.07
N GLU A 11 32.02 5.61 -1.77
CA GLU A 11 31.96 6.47 -0.60
C GLU A 11 30.82 7.49 -0.71
N ARG A 12 30.63 8.05 -1.91
CA ARG A 12 29.52 8.95 -2.13
C ARG A 12 28.18 8.25 -1.94
N SER A 13 28.07 7.01 -2.43
CA SER A 13 26.84 6.25 -2.26
C SER A 13 26.58 5.96 -0.79
N LYS A 14 27.61 5.63 -0.03
CA LYS A 14 27.44 5.41 1.41
C LYS A 14 27.02 6.68 2.13
N MET A 15 27.58 7.83 1.75
CA MET A 15 27.15 9.09 2.33
C MET A 15 25.69 9.38 2.02
N ILE A 16 25.28 9.14 0.77
CA ILE A 16 23.89 9.34 0.39
C ILE A 16 22.98 8.41 1.18
N GLU A 17 23.38 7.15 1.35
CA GLU A 17 22.58 6.19 2.10
C GLU A 17 22.48 6.57 3.57
N LYS A 18 23.56 7.10 4.14
CA LYS A 18 23.53 7.56 5.52
C LYS A 18 22.57 8.74 5.67
N GLN A 19 22.59 9.68 4.72
CA GLN A 19 21.64 10.78 4.76
C GLN A 19 20.20 10.28 4.62
N LEU A 20 19.98 9.28 3.76
CA LEU A 20 18.64 8.71 3.60
C LEU A 20 18.18 8.04 4.89
N GLN A 21 19.07 7.31 5.56
CA GLN A 21 18.71 6.68 6.83
C GLN A 21 18.42 7.73 7.89
N LYS A 22 19.17 8.83 7.88
CA LYS A 22 18.88 9.93 8.82
C LYS A 22 17.52 10.54 8.56
N ASP A 23 17.16 10.72 7.28
CA ASP A 23 15.87 11.30 6.93
C ASP A 23 14.71 10.33 7.10
N LYS A 24 14.99 9.02 7.14
CA LYS A 24 13.92 8.04 7.32
C LYS A 24 13.27 8.18 8.69
N GLN A 25 14.07 8.47 9.72
CA GLN A 25 13.51 8.67 11.06
C GLN A 25 12.60 9.89 11.10
N VAL A 26 12.99 10.96 10.41
CA VAL A 26 12.15 12.16 10.35
C VAL A 26 10.88 11.87 9.57
N TYR A 27 10.98 11.15 8.47
CA TYR A 27 9.80 10.86 7.66
C TYR A 27 8.81 9.95 8.38
N ARG A 28 9.32 8.95 9.11
CA ARG A 28 8.43 8.04 9.81
C ARG A 28 7.80 8.66 11.04
N ALA A 29 8.44 9.67 11.63
CA ALA A 29 7.95 10.29 12.86
C ALA A 29 7.01 11.45 12.60
N THR A 30 6.70 11.77 11.34
CA THR A 30 5.75 12.81 11.00
C THR A 30 4.51 12.18 10.39
N HIS A 31 3.35 12.63 10.83
CA HIS A 31 2.08 12.09 10.37
C HIS A 31 1.46 13.05 9.35
N ARG A 32 1.15 12.54 8.18
CA ARG A 32 0.59 13.33 7.09
C ARG A 32 -0.91 13.12 7.04
N LEU A 33 -1.66 14.21 7.15
CA LEU A 33 -3.11 14.17 7.18
C LEU A 33 -3.66 14.95 5.99
N LEU A 34 -4.71 14.42 5.37
CA LEU A 34 -5.34 15.04 4.22
C LEU A 34 -6.62 15.72 4.66
N LEU A 35 -6.71 17.03 4.42
CA LEU A 35 -7.89 17.81 4.77
C LEU A 35 -8.84 17.82 3.57
N LEU A 36 -10.07 17.38 3.81
CA LEU A 36 -11.07 17.29 2.75
C LEU A 36 -12.38 17.91 3.24
N GLY A 37 -13.18 18.37 2.29
CA GLY A 37 -14.45 18.99 2.60
C GLY A 37 -14.98 19.74 1.40
N ALA A 38 -15.98 20.57 1.67
CA ALA A 38 -16.64 21.38 0.66
C ALA A 38 -16.35 22.86 0.91
N ASP A 39 -16.79 23.69 -0.04
CA ASP A 39 -16.54 25.12 0.05
C ASP A 39 -17.26 25.74 1.25
N ASN A 40 -18.52 25.34 1.48
CA ASN A 40 -19.25 25.86 2.62
C ASN A 40 -18.72 25.34 3.94
N SER A 41 -18.10 24.16 3.95
CA SER A 41 -17.49 23.64 5.16
C SER A 41 -16.31 24.51 5.56
N GLY A 42 -16.22 24.82 6.86
CA GLY A 42 -15.16 25.67 7.35
C GLY A 42 -13.90 24.90 7.70
N LYS A 43 -13.36 24.15 6.75
CA LYS A 43 -12.12 23.41 7.01
C LYS A 43 -10.94 24.35 7.15
N SER A 44 -10.98 25.50 6.48
CA SER A 44 -9.89 26.47 6.59
C SER A 44 -9.79 27.03 8.00
N THR A 45 -10.94 27.33 8.62
CA THR A 45 -10.92 27.88 9.98
C THR A 45 -10.59 26.83 11.03
N ILE A 46 -10.71 25.54 10.70
CA ILE A 46 -10.22 24.50 11.60
C ILE A 46 -8.70 24.51 11.64
N VAL A 47 -8.06 24.65 10.48
CA VAL A 47 -6.62 24.81 10.42
C VAL A 47 -6.21 26.14 11.05
N LYS A 48 -6.96 27.22 10.77
CA LYS A 48 -6.66 28.52 11.33
C LYS A 48 -6.85 28.57 12.84
N GLN A 49 -7.54 27.59 13.43
CA GLN A 49 -7.70 27.49 14.87
C GLN A 49 -6.68 26.55 15.50
N MET A 50 -5.48 26.48 14.93
CA MET A 50 -4.42 25.63 15.47
C MET A 50 -3.14 26.41 15.69
N ILE A 66 -1.60 24.15 -3.44
CA ILE A 66 -1.79 23.34 -2.25
C ILE A 66 -1.29 24.06 -1.00
N PHE A 67 -2.15 24.19 -0.01
CA PHE A 67 -1.83 24.85 1.25
C PHE A 67 -1.55 23.79 2.31
N GLU A 68 -0.32 23.76 2.82
CA GLU A 68 0.09 22.80 3.82
C GLU A 68 0.36 23.51 5.14
N THR A 69 -0.09 22.90 6.23
CA THR A 69 0.12 23.44 7.56
C THR A 69 0.94 22.45 8.39
N LYS A 70 1.63 22.98 9.40
CA LYS A 70 2.48 22.20 10.27
C LYS A 70 2.14 22.50 11.71
N PHE A 71 1.89 21.47 12.50
CA PHE A 71 1.63 21.63 13.92
C PHE A 71 2.01 20.35 14.64
N GLN A 72 2.31 20.48 15.93
CA GLN A 72 2.62 19.35 16.78
C GLN A 72 1.86 19.48 18.08
N VAL A 73 1.52 18.33 18.66
CA VAL A 73 0.72 18.27 19.89
C VAL A 73 1.58 17.84 21.08
N ASP A 74 2.13 16.64 21.04
CA ASP A 74 2.94 16.11 22.13
C ASP A 74 4.34 15.81 21.62
N LYS A 75 4.92 16.76 20.89
CA LYS A 75 6.20 16.66 20.18
C LYS A 75 6.14 15.68 19.01
N VAL A 76 4.95 15.23 18.63
CA VAL A 76 4.74 14.46 17.41
C VAL A 76 4.28 15.43 16.33
N ASN A 77 5.01 15.50 15.23
CA ASN A 77 4.77 16.51 14.21
C ASN A 77 3.71 16.02 13.23
N PHE A 78 2.63 16.78 13.11
CA PHE A 78 1.57 16.52 12.14
C PHE A 78 1.67 17.54 11.01
N HIS A 79 1.39 17.10 9.79
CA HIS A 79 1.49 17.98 8.62
C HIS A 79 0.23 17.75 7.79
N MET A 80 -0.73 18.67 7.88
CA MET A 80 -2.03 18.54 7.24
C MET A 80 -2.07 19.37 5.96
N PHE A 81 -2.66 18.81 4.92
CA PHE A 81 -2.59 19.39 3.58
C PHE A 81 -3.99 19.74 3.08
N ASP A 82 -4.16 20.98 2.62
CA ASP A 82 -5.42 21.45 2.07
C ASP A 82 -5.18 21.84 0.61
N VAL A 83 -5.31 20.85 -0.27
CA VAL A 83 -5.10 21.06 -1.70
C VAL A 83 -6.41 21.50 -2.35
N GLY A 84 -6.35 22.61 -3.08
CA GLY A 84 -7.55 23.14 -3.73
C GLY A 84 -7.26 23.76 -5.08
N GLY A 85 -6.04 23.60 -5.57
CA GLY A 85 -5.67 24.14 -6.87
C GLY A 85 -6.02 23.27 -8.05
N GLN A 86 -6.69 22.14 -7.82
CA GLN A 86 -7.01 21.20 -8.89
C GLN A 86 -8.32 21.57 -9.56
N ARG A 87 -8.62 20.88 -10.65
CA ARG A 87 -9.77 21.19 -11.52
C ARG A 87 -11.01 20.39 -11.12
N ASP A 88 -11.34 20.40 -9.83
CA ASP A 88 -12.58 19.84 -9.29
C ASP A 88 -12.78 18.36 -9.66
N GLU A 89 -11.71 17.65 -10.01
CA GLU A 89 -11.79 16.23 -10.36
C GLU A 89 -10.75 15.50 -9.54
N ARG A 90 -11.17 14.61 -8.65
CA ARG A 90 -10.19 13.96 -7.76
C ARG A 90 -10.15 12.45 -7.89
N ARG A 91 -10.38 11.94 -9.09
CA ARG A 91 -10.24 10.50 -9.29
C ARG A 91 -8.77 10.07 -9.27
N LYS A 92 -7.87 10.94 -9.74
CA LYS A 92 -6.47 10.58 -9.94
C LYS A 92 -5.55 11.13 -8.86
N TRP A 93 -5.63 12.42 -8.54
CA TRP A 93 -4.72 12.97 -7.55
C TRP A 93 -5.08 12.57 -6.12
N ILE A 94 -6.24 11.96 -5.89
CA ILE A 94 -6.55 11.45 -4.57
C ILE A 94 -5.73 10.21 -4.25
N GLN A 95 -5.13 9.57 -5.27
CA GLN A 95 -4.29 8.40 -5.03
C GLN A 95 -2.93 8.80 -4.47
N CYS A 96 -2.53 10.07 -4.60
CA CYS A 96 -1.27 10.52 -4.04
C CYS A 96 -1.31 10.56 -2.51
N PHE A 97 -2.50 10.50 -1.91
CA PHE A 97 -2.67 10.46 -0.47
C PHE A 97 -3.03 9.08 0.02
N ASN A 98 -2.43 8.03 -0.57
CA ASN A 98 -2.74 6.66 -0.19
C ASN A 98 -2.08 6.26 1.13
N ASP A 99 -1.02 6.94 1.54
CA ASP A 99 -0.29 6.57 2.76
C ASP A 99 -0.48 7.59 3.87
N VAL A 100 -1.50 8.44 3.79
CA VAL A 100 -1.79 9.35 4.89
C VAL A 100 -2.29 8.56 6.08
N THR A 101 -1.97 9.03 7.28
CA THR A 101 -2.40 8.33 8.49
C THR A 101 -3.90 8.45 8.71
N ALA A 102 -4.51 9.56 8.28
CA ALA A 102 -5.93 9.76 8.46
C ALA A 102 -6.41 10.81 7.46
N ILE A 103 -7.72 10.87 7.30
CA ILE A 103 -8.38 11.93 6.52
C ILE A 103 -9.24 12.72 7.48
N ILE A 104 -9.19 14.05 7.33
CA ILE A 104 -9.94 14.96 8.20
C ILE A 104 -11.03 15.53 7.33
N PHE A 105 -12.01 14.72 7.00
CA PHE A 105 -13.11 15.11 6.12
C PHE A 105 -14.01 15.93 7.04
N VAL A 106 -14.34 17.14 6.61
CA VAL A 106 -15.08 18.11 7.40
C VAL A 106 -16.44 18.33 6.75
N VAL A 107 -17.49 18.25 7.56
CA VAL A 107 -18.87 18.38 7.10
C VAL A 107 -19.46 19.67 7.66
N ASP A 108 -20.16 20.41 6.80
CA ASP A 108 -20.99 21.53 7.24
C ASP A 108 -22.37 20.93 7.47
N SER A 109 -22.71 20.70 8.74
CA SER A 109 -23.97 20.06 9.11
C SER A 109 -25.13 21.03 9.22
N SER A 110 -24.91 22.30 8.89
CA SER A 110 -25.95 23.32 8.97
C SER A 110 -26.56 23.65 7.61
N ASP A 111 -26.26 22.86 6.58
CA ASP A 111 -26.84 23.06 5.25
C ASP A 111 -27.26 21.68 4.73
N TYR A 112 -28.55 21.38 4.85
CA TYR A 112 -29.03 20.02 4.57
C TYR A 112 -28.94 19.70 3.08
N ASN A 113 -29.25 20.66 2.22
CA ASN A 113 -29.10 20.45 0.78
C ASN A 113 -27.66 20.15 0.42
N ARG A 114 -26.71 20.83 1.06
CA ARG A 114 -25.31 20.46 0.93
C ARG A 114 -24.96 19.24 1.77
N LEU A 115 -25.74 18.94 2.80
CA LEU A 115 -25.46 17.76 3.62
C LEU A 115 -25.69 16.48 2.84
N GLN A 116 -26.65 16.47 1.91
CA GLN A 116 -26.84 15.29 1.07
C GLN A 116 -25.61 15.02 0.21
N GLU A 117 -25.03 16.06 -0.39
CA GLU A 117 -23.82 15.88 -1.18
C GLU A 117 -22.63 15.51 -0.31
N ALA A 118 -22.58 16.05 0.91
CA ALA A 118 -21.54 15.64 1.85
C ALA A 118 -21.67 14.16 2.20
N LEU A 119 -22.91 13.69 2.39
CA LEU A 119 -23.14 12.28 2.64
C LEU A 119 -22.67 11.44 1.47
N ASN A 120 -23.02 11.86 0.24
CA ASN A 120 -22.68 11.09 -0.95
C ASN A 120 -21.18 11.01 -1.17
N ASP A 121 -20.47 12.14 -1.04
CA ASP A 121 -19.04 12.08 -1.29
C ASP A 121 -18.28 11.47 -0.12
N PHE A 122 -18.81 11.52 1.10
CA PHE A 122 -18.23 10.72 2.18
C PHE A 122 -18.37 9.24 1.86
N LYS A 123 -19.53 8.83 1.34
CA LYS A 123 -19.70 7.43 0.93
C LYS A 123 -18.72 7.05 -0.17
N SER A 124 -18.53 7.92 -1.16
CA SER A 124 -17.60 7.64 -2.24
C SER A 124 -16.16 7.56 -1.75
N ILE A 125 -15.79 8.42 -0.80
CA ILE A 125 -14.47 8.35 -0.20
C ILE A 125 -14.30 7.06 0.60
N TRP A 126 -15.32 6.69 1.37
CA TRP A 126 -15.26 5.50 2.22
C TRP A 126 -15.12 4.24 1.38
N ASN A 127 -15.85 4.16 0.27
CA ASN A 127 -15.89 2.96 -0.54
C ASN A 127 -14.84 2.95 -1.64
N ASN A 128 -13.90 3.89 -1.63
CA ASN A 128 -12.85 3.93 -2.63
C ASN A 128 -11.92 2.72 -2.48
N ARG A 129 -11.31 2.32 -3.59
CA ARG A 129 -10.43 1.16 -3.58
C ARG A 129 -9.13 1.45 -2.84
N TRP A 130 -8.58 2.65 -2.99
CA TRP A 130 -7.30 3.00 -2.39
C TRP A 130 -7.45 3.62 -1.01
N LEU A 131 -8.58 4.25 -0.71
CA LEU A 131 -8.83 4.84 0.60
C LEU A 131 -9.55 3.89 1.54
N ARG A 132 -9.71 2.62 1.14
CA ARG A 132 -10.42 1.66 1.99
C ARG A 132 -9.62 1.28 3.23
N THR A 133 -8.32 1.55 3.26
CA THR A 133 -7.48 1.25 4.40
C THR A 133 -7.09 2.50 5.18
N ILE A 134 -7.65 3.66 4.85
CA ILE A 134 -7.31 4.92 5.47
C ILE A 134 -8.48 5.35 6.35
N SER A 135 -8.24 5.48 7.64
CA SER A 135 -9.28 5.92 8.56
C SER A 135 -9.60 7.40 8.31
N VAL A 136 -10.86 7.75 8.49
CA VAL A 136 -11.35 9.10 8.23
C VAL A 136 -11.83 9.69 9.54
N ILE A 137 -11.27 10.83 9.91
CA ILE A 137 -11.73 11.59 11.07
C ILE A 137 -12.84 12.51 10.61
N LEU A 138 -14.02 12.39 11.23
CA LEU A 138 -15.21 13.11 10.81
C LEU A 138 -15.44 14.30 11.73
N PHE A 139 -15.50 15.49 11.15
CA PHE A 139 -15.76 16.72 11.88
C PHE A 139 -17.04 17.34 11.34
N LEU A 140 -18.09 17.37 12.17
CA LEU A 140 -19.31 18.09 11.83
C LEU A 140 -19.10 19.53 12.26
N ASN A 141 -18.58 20.34 11.32
CA ASN A 141 -17.96 21.61 11.68
C ASN A 141 -18.97 22.61 12.25
N LYS A 142 -20.07 22.82 11.55
CA LYS A 142 -21.03 23.85 11.94
C LYS A 142 -22.03 23.25 12.92
N GLN A 143 -21.81 23.49 14.20
CA GLN A 143 -22.75 23.05 15.24
C GLN A 143 -23.45 24.19 15.97
N ASP A 144 -22.79 25.34 16.13
CA ASP A 144 -23.50 26.50 16.65
C ASP A 144 -24.58 26.95 15.69
N LEU A 145 -24.28 26.96 14.39
CA LEU A 145 -25.27 27.29 13.38
C LEU A 145 -26.41 26.28 13.36
N LEU A 146 -26.07 24.99 13.51
CA LEU A 146 -27.10 23.96 13.57
C LEU A 146 -28.00 24.13 14.79
N ALA A 147 -27.40 24.44 15.94
CA ALA A 147 -28.19 24.67 17.15
C ALA A 147 -29.11 25.87 16.99
N GLU A 148 -28.60 26.96 16.38
CA GLU A 148 -29.43 28.14 16.16
C GLU A 148 -30.57 27.84 15.18
N LYS A 149 -30.29 27.05 14.15
CA LYS A 149 -31.31 26.74 13.16
C LYS A 149 -32.40 25.84 13.73
N VAL A 150 -32.02 24.78 14.42
CA VAL A 150 -33.00 23.86 14.97
C VAL A 150 -33.77 24.51 16.12
N LEU A 151 -33.07 25.24 16.98
CA LEU A 151 -33.72 25.86 18.15
C LEU A 151 -34.75 26.89 17.73
N ALA A 152 -34.46 27.67 16.69
CA ALA A 152 -35.40 28.67 16.19
C ALA A 152 -36.56 28.00 15.46
N TYR A 160 -36.73 17.30 3.86
CA TYR A 160 -35.36 16.99 3.46
C TYR A 160 -35.06 15.50 3.63
N PHE A 161 -35.01 15.06 4.88
CA PHE A 161 -34.81 13.66 5.20
C PHE A 161 -36.08 13.09 5.81
N PRO A 162 -36.72 12.11 5.18
CA PRO A 162 -37.97 11.57 5.73
C PRO A 162 -37.77 10.64 6.92
N GLU A 163 -36.54 10.17 7.15
CA GLU A 163 -36.28 9.26 8.26
C GLU A 163 -36.05 9.99 9.59
N PHE A 164 -36.07 11.33 9.58
CA PHE A 164 -35.89 12.06 10.84
C PHE A 164 -37.07 11.88 11.77
N ALA A 165 -38.29 11.83 11.22
CA ALA A 165 -39.47 11.63 12.06
C ALA A 165 -39.45 10.28 12.73
N ARG A 166 -39.05 9.24 12.01
CA ARG A 166 -38.91 7.90 12.58
C ARG A 166 -37.49 7.64 13.07
N TYR A 167 -36.98 8.54 13.91
CA TYR A 167 -35.65 8.44 14.46
C TYR A 167 -35.70 8.58 15.98
N THR A 168 -34.81 7.88 16.67
CA THR A 168 -34.72 7.92 18.11
C THR A 168 -33.28 8.19 18.53
N THR A 169 -33.13 8.96 19.59
CA THR A 169 -31.79 9.32 20.07
C THR A 169 -31.08 8.07 20.60
N PRO A 170 -29.82 7.83 20.20
CA PRO A 170 -29.04 6.67 20.65
C PRO A 170 -28.82 6.66 22.17
N PRO A 181 -31.81 18.50 23.50
CA PRO A 181 -33.20 18.27 23.07
C PRO A 181 -33.31 17.97 21.58
N ARG A 182 -33.96 18.87 20.84
CA ARG A 182 -34.10 18.70 19.39
C ARG A 182 -32.75 18.81 18.69
N VAL A 183 -31.91 19.74 19.13
CA VAL A 183 -30.61 19.93 18.49
C VAL A 183 -29.72 18.70 18.69
N THR A 184 -29.82 18.05 19.86
CA THR A 184 -29.06 16.82 20.07
C THR A 184 -29.52 15.71 19.13
N ARG A 185 -30.83 15.59 18.94
CA ARG A 185 -31.35 14.58 18.03
C ARG A 185 -30.92 14.86 16.59
N ALA A 186 -30.90 16.13 16.19
CA ALA A 186 -30.43 16.47 14.84
C ALA A 186 -28.95 16.16 14.67
N LYS A 187 -28.13 16.54 15.66
CA LYS A 187 -26.70 16.27 15.60
C LYS A 187 -26.44 14.78 15.47
N TYR A 188 -27.09 13.98 16.31
CA TYR A 188 -26.87 12.55 16.24
C TYR A 188 -27.53 11.91 15.02
N PHE A 189 -28.56 12.55 14.46
CA PHE A 189 -29.12 12.07 13.20
C PHE A 189 -28.08 12.16 12.10
N ILE A 190 -27.43 13.32 11.98
CA ILE A 190 -26.39 13.49 10.96
C ILE A 190 -25.23 12.54 11.24
N ARG A 191 -24.84 12.42 12.51
CA ARG A 191 -23.73 11.53 12.87
C ARG A 191 -24.05 10.08 12.50
N ASP A 192 -25.28 9.62 12.79
CA ASP A 192 -25.67 8.27 12.45
C ASP A 192 -25.83 8.09 10.95
N GLU A 193 -26.22 9.14 10.23
CA GLU A 193 -26.29 9.05 8.77
C GLU A 193 -24.91 8.81 8.18
N PHE A 194 -23.90 9.47 8.74
CA PHE A 194 -22.54 9.21 8.26
C PHE A 194 -22.04 7.84 8.73
N LEU A 195 -22.38 7.45 9.95
CA LEU A 195 -21.94 6.17 10.48
C LEU A 195 -22.63 4.98 9.81
N ARG A 196 -23.76 5.21 9.15
CA ARG A 196 -24.41 4.13 8.39
C ARG A 196 -23.51 3.65 7.25
N ILE A 197 -22.92 4.59 6.50
CA ILE A 197 -21.93 4.22 5.52
C ILE A 197 -20.64 3.76 6.19
N SER A 198 -20.26 4.44 7.28
CA SER A 198 -18.99 4.09 7.92
C SER A 198 -19.01 2.70 8.56
N THR A 199 -20.17 2.08 8.72
CA THR A 199 -20.27 0.76 9.34
C THR A 199 -20.74 -0.32 8.37
N ALA A 200 -21.78 -0.05 7.58
CA ALA A 200 -22.35 -1.09 6.72
C ALA A 200 -21.42 -1.50 5.59
N SER A 201 -20.47 -0.65 5.22
CA SER A 201 -19.53 -0.96 4.15
C SER A 201 -18.09 -1.05 4.62
N GLY A 202 -17.82 -0.87 5.91
CA GLY A 202 -16.46 -0.96 6.39
C GLY A 202 -15.94 -2.39 6.38
N ASP A 203 -14.67 -2.54 6.02
CA ASP A 203 -14.04 -3.84 5.95
C ASP A 203 -13.30 -4.21 7.23
N GLY A 204 -13.30 -3.34 8.24
CA GLY A 204 -12.59 -3.59 9.48
C GLY A 204 -11.14 -3.14 9.47
N ARG A 205 -10.61 -2.72 8.31
CA ARG A 205 -9.25 -2.22 8.23
C ARG A 205 -9.16 -0.72 8.43
N HIS A 206 -10.28 -0.02 8.52
CA HIS A 206 -10.27 1.41 8.79
C HIS A 206 -11.61 1.79 9.42
N TYR A 207 -11.59 2.86 10.20
CA TYR A 207 -12.75 3.29 10.96
C TYR A 207 -12.97 4.79 10.78
N CYS A 208 -14.19 5.22 11.07
CA CYS A 208 -14.55 6.63 11.04
C CYS A 208 -14.71 7.14 12.46
N TYR A 209 -14.15 8.32 12.72
CA TYR A 209 -14.19 8.94 14.04
C TYR A 209 -15.02 10.21 13.98
N PRO A 210 -16.27 10.19 14.43
CA PRO A 210 -17.10 11.39 14.38
C PRO A 210 -16.85 12.29 15.58
N HIS A 211 -16.66 13.58 15.27
CA HIS A 211 -16.45 14.55 16.32
C HIS A 211 -17.33 15.76 16.04
N PHE A 212 -17.69 16.48 17.08
CA PHE A 212 -18.58 17.63 16.98
C PHE A 212 -17.74 18.87 17.26
N THR A 213 -17.44 19.64 16.23
CA THR A 213 -16.58 20.81 16.36
C THR A 213 -17.41 22.08 16.20
N CYS A 214 -16.75 23.22 16.37
CA CYS A 214 -17.38 24.52 16.22
C CYS A 214 -16.40 25.46 15.53
N ALA A 215 -16.78 26.73 15.41
CA ALA A 215 -15.90 27.73 14.82
C ALA A 215 -14.80 28.17 15.77
N VAL A 216 -15.04 28.11 17.08
CA VAL A 216 -14.08 28.57 18.07
C VAL A 216 -13.54 27.41 18.90
N ASP A 217 -13.73 26.18 18.44
CA ASP A 217 -13.22 25.02 19.17
C ASP A 217 -11.71 24.93 19.00
N THR A 218 -11.00 24.80 20.12
CA THR A 218 -9.53 24.78 20.12
C THR A 218 -8.98 23.40 20.50
N GLU A 219 -9.82 22.39 20.58
CA GLU A 219 -9.37 21.04 20.92
C GLU A 219 -9.24 20.15 19.69
N ASN A 220 -9.31 20.72 18.49
CA ASN A 220 -9.24 19.93 17.27
C ASN A 220 -7.86 19.30 17.10
N ALA A 221 -6.80 20.03 17.48
CA ALA A 221 -5.45 19.49 17.37
C ALA A 221 -5.30 18.24 18.24
N ARG A 222 -5.77 18.31 19.48
CA ARG A 222 -5.66 17.17 20.38
C ARG A 222 -6.60 16.05 19.99
N ARG A 223 -7.77 16.38 19.43
CA ARG A 223 -8.67 15.33 18.94
C ARG A 223 -8.03 14.57 17.78
N ILE A 224 -7.41 15.28 16.84
CA ILE A 224 -6.71 14.62 15.75
C ILE A 224 -5.52 13.83 16.27
N PHE A 225 -4.83 14.36 17.29
CA PHE A 225 -3.71 13.64 17.88
C PHE A 225 -4.15 12.31 18.49
N ASN A 226 -5.23 12.33 19.27
CA ASN A 226 -5.71 11.10 19.90
C ASN A 226 -6.26 10.12 18.87
N ASP A 227 -6.97 10.63 17.85
CA ASP A 227 -7.47 9.76 16.80
C ASP A 227 -6.34 9.10 16.02
N CYS A 228 -5.29 9.87 15.71
CA CYS A 228 -4.12 9.30 15.06
C CYS A 228 -3.41 8.30 15.96
N LYS A 229 -3.39 8.56 17.27
CA LYS A 229 -2.83 7.60 18.22
C LYS A 229 -3.56 6.28 18.15
N ASP A 230 -4.89 6.32 18.10
CA ASP A 230 -5.65 5.09 18.01
C ASP A 230 -5.52 4.43 16.64
N ILE A 231 -5.40 5.22 15.57
CA ILE A 231 -5.21 4.65 14.24
C ILE A 231 -3.89 3.88 14.17
N ILE A 232 -2.83 4.49 14.70
CA ILE A 232 -1.52 3.82 14.75
C ILE A 232 -1.58 2.62 15.68
N LEU A 233 -2.36 2.70 16.77
CA LEU A 233 -2.52 1.55 17.65
C LEU A 233 -3.18 0.38 16.92
N GLN A 234 -4.17 0.67 16.08
CA GLN A 234 -4.83 -0.40 15.34
C GLN A 234 -3.90 -1.02 14.29
N MET A 235 -3.13 -0.19 13.58
CA MET A 235 -2.14 -0.76 12.68
C MET A 235 -1.09 -1.57 13.43
N ASN A 236 -0.73 -1.14 14.64
CA ASN A 236 0.24 -1.88 15.43
C ASN A 236 -0.33 -3.22 15.89
N LEU A 237 -1.61 -3.24 16.25
CA LEU A 237 -2.27 -4.51 16.57
C LEU A 237 -2.26 -5.44 15.37
N ARG A 238 -2.54 -4.92 14.18
CA ARG A 238 -2.56 -5.76 13.00
C ARG A 238 -1.16 -6.27 12.64
N GLU A 239 -0.14 -5.42 12.79
CA GLU A 239 1.21 -5.74 12.34
C GLU A 239 2.05 -6.46 13.40
N TYR A 240 1.60 -6.50 14.66
CA TYR A 240 2.33 -7.17 15.72
C TYR A 240 1.90 -8.62 15.91
N ASN A 241 1.26 -9.20 14.91
CA ASN A 241 0.77 -10.58 14.95
C ASN A 241 -0.21 -10.80 16.09
N LEU A 242 -0.95 -9.76 16.47
CA LEU A 242 -1.95 -9.87 17.52
C LEU A 242 -3.35 -10.03 16.98
N VAL A 243 -3.64 -9.51 15.80
CA VAL A 243 -4.96 -9.63 15.18
C VAL A 243 -4.81 -10.07 13.73
N LEU B 32 -20.98 15.29 -37.22
CA LEU B 32 -20.42 14.49 -38.31
C LEU B 32 -19.61 13.32 -37.78
N LYS B 33 -19.87 12.93 -36.53
CA LYS B 33 -19.19 11.78 -35.95
C LYS B 33 -19.59 10.48 -36.64
N ASN B 34 -20.81 10.41 -37.17
CA ASN B 34 -21.24 9.23 -37.92
C ASN B 34 -20.40 9.05 -39.19
N GLN B 35 -20.10 10.17 -39.87
CA GLN B 35 -19.25 10.09 -41.06
C GLN B 35 -17.84 9.63 -40.69
N ILE B 36 -17.31 10.10 -39.55
CA ILE B 36 -15.98 9.69 -39.10
C ILE B 36 -15.99 8.20 -38.79
N ARG B 37 -17.02 7.70 -38.11
CA ARG B 37 -17.09 6.29 -37.80
C ARG B 37 -17.28 5.45 -39.06
N ASP B 38 -17.98 5.98 -40.07
CA ASP B 38 -18.12 5.25 -41.33
C ASP B 38 -16.80 5.20 -42.09
N ALA B 39 -16.04 6.29 -42.05
CA ALA B 39 -14.71 6.28 -42.66
C ALA B 39 -13.78 5.31 -41.95
N ARG B 40 -13.89 5.24 -40.62
CA ARG B 40 -13.10 4.25 -39.87
C ARG B 40 -13.52 2.84 -40.22
N LYS B 41 -14.82 2.59 -40.36
CA LYS B 41 -15.34 1.27 -40.71
C LYS B 41 -15.14 0.94 -42.19
N ALA B 42 -14.71 1.90 -43.01
CA ALA B 42 -14.43 1.61 -44.41
C ALA B 42 -13.31 0.59 -44.54
N CYS B 43 -12.39 0.54 -43.57
CA CYS B 43 -11.42 -0.54 -43.46
C CYS B 43 -12.08 -1.70 -42.69
N ALA B 44 -13.00 -2.37 -43.38
CA ALA B 44 -13.79 -3.42 -42.76
C ALA B 44 -12.93 -4.59 -42.32
N ASP B 45 -11.94 -4.95 -43.14
CA ASP B 45 -11.03 -6.05 -42.82
C ASP B 45 -9.97 -5.57 -41.81
N ALA B 46 -10.44 -5.23 -40.63
CA ALA B 46 -9.59 -4.75 -39.54
C ALA B 46 -9.56 -5.83 -38.46
N THR B 47 -8.63 -6.77 -38.62
CA THR B 47 -8.49 -7.87 -37.66
C THR B 47 -7.02 -8.27 -37.61
N LEU B 48 -6.34 -7.83 -36.56
CA LEU B 48 -4.95 -8.23 -36.36
C LEU B 48 -4.81 -9.72 -36.06
N SER B 49 -5.89 -10.36 -35.60
CA SER B 49 -5.86 -11.79 -35.33
C SER B 49 -5.85 -12.63 -36.60
N GLN B 50 -6.05 -12.01 -37.76
CA GLN B 50 -6.02 -12.71 -39.05
C GLN B 50 -4.79 -12.38 -39.89
N ILE B 51 -4.37 -11.11 -39.90
CA ILE B 51 -3.23 -10.72 -40.71
C ILE B 51 -1.94 -11.29 -40.13
N THR B 52 -1.81 -11.26 -38.80
CA THR B 52 -0.62 -11.78 -38.12
C THR B 52 -0.91 -13.11 -37.42
N ASN B 53 -1.83 -13.91 -37.97
CA ASN B 53 -2.17 -15.18 -37.36
C ASN B 53 -1.05 -16.20 -37.53
N ASN B 54 -0.49 -16.29 -38.74
CA ASN B 54 0.53 -17.30 -39.05
C ASN B 54 1.92 -16.71 -38.84
N ILE B 55 2.22 -16.42 -37.57
CA ILE B 55 3.52 -15.90 -37.17
C ILE B 55 4.04 -16.75 -36.01
N ASP B 56 5.34 -16.65 -35.78
CA ASP B 56 5.96 -17.38 -34.68
C ASP B 56 5.68 -16.68 -33.36
N PRO B 57 5.06 -17.35 -32.38
CA PRO B 57 4.83 -16.72 -31.08
C PRO B 57 6.14 -16.42 -30.36
N VAL B 58 6.11 -15.35 -29.56
CA VAL B 58 7.28 -14.97 -28.79
C VAL B 58 7.63 -16.04 -27.76
N GLY B 59 6.62 -16.56 -27.07
CA GLY B 59 6.82 -17.58 -26.06
C GLY B 59 6.86 -17.01 -24.66
N ARG B 60 7.02 -17.90 -23.70
CA ARG B 60 7.04 -17.51 -22.29
C ARG B 60 8.33 -16.76 -22.00
N ILE B 61 8.23 -15.45 -21.79
CA ILE B 61 9.37 -14.61 -21.47
C ILE B 61 9.59 -14.68 -19.97
N GLN B 62 10.62 -15.40 -19.55
CA GLN B 62 10.96 -15.54 -18.13
C GLN B 62 12.05 -14.53 -17.80
N MET B 63 11.65 -13.41 -17.22
CA MET B 63 12.57 -12.35 -16.82
C MET B 63 12.74 -12.38 -15.32
N ARG B 64 13.99 -12.38 -14.86
CA ARG B 64 14.31 -12.45 -13.45
C ARG B 64 14.94 -11.14 -12.99
N THR B 65 14.70 -10.79 -11.74
CA THR B 65 15.23 -9.57 -11.17
C THR B 65 16.75 -9.63 -11.10
N ARG B 66 17.41 -8.56 -11.55
CA ARG B 66 18.86 -8.44 -11.48
C ARG B 66 19.32 -7.56 -10.33
N ARG B 67 18.76 -6.35 -10.23
CA ARG B 67 19.06 -5.44 -9.15
C ARG B 67 17.77 -5.07 -8.43
N THR B 68 17.89 -4.74 -7.15
CA THR B 68 16.77 -4.28 -6.33
C THR B 68 17.23 -3.02 -5.60
N LEU B 69 16.97 -1.86 -6.20
CA LEU B 69 17.41 -0.58 -5.66
C LEU B 69 16.50 -0.19 -4.50
N ARG B 70 16.82 -0.75 -3.33
CA ARG B 70 16.02 -0.52 -2.13
C ARG B 70 16.65 0.61 -1.31
N GLY B 71 16.48 1.83 -1.82
CA GLY B 71 17.01 3.00 -1.15
C GLY B 71 15.96 4.03 -0.79
N HIS B 72 14.81 3.96 -1.46
CA HIS B 72 13.76 4.93 -1.23
C HIS B 72 13.06 4.66 0.10
N LEU B 73 12.13 5.53 0.46
CA LEU B 73 11.44 5.47 1.74
C LEU B 73 9.98 5.05 1.62
N ALA B 74 9.30 5.44 0.55
CA ALA B 74 7.86 5.24 0.44
C ALA B 74 7.54 4.88 -1.00
N LYS B 75 6.25 5.01 -1.36
CA LYS B 75 5.76 4.63 -2.68
C LYS B 75 6.54 5.29 -3.80
N ILE B 76 6.94 4.51 -4.79
CA ILE B 76 7.55 5.06 -6.00
C ILE B 76 6.47 5.47 -6.96
N TYR B 77 6.52 6.70 -7.45
CA TYR B 77 5.54 7.22 -8.40
C TYR B 77 6.04 7.33 -9.83
N ALA B 78 7.32 7.63 -10.04
CA ALA B 78 7.82 7.82 -11.40
C ALA B 78 9.30 7.50 -11.45
N MET B 79 9.77 7.24 -12.67
CA MET B 79 11.18 6.96 -12.92
C MET B 79 11.48 7.22 -14.39
N HIS B 80 12.74 7.40 -14.71
CA HIS B 80 13.16 7.65 -16.08
C HIS B 80 14.62 7.26 -16.24
N TRP B 81 14.95 6.76 -17.43
CA TRP B 81 16.31 6.37 -17.75
C TRP B 81 17.04 7.51 -18.45
N GLY B 82 18.37 7.47 -18.37
CA GLY B 82 19.18 8.41 -19.12
C GLY B 82 19.57 7.88 -20.48
N THR B 83 20.08 8.78 -21.31
CA THR B 83 20.56 8.37 -22.63
C THR B 83 21.78 7.46 -22.53
N ASP B 84 22.58 7.63 -21.47
CA ASP B 84 23.75 6.78 -21.25
C ASP B 84 23.37 5.35 -20.90
N SER B 85 22.10 5.08 -20.63
CA SER B 85 21.53 3.75 -20.36
C SER B 85 22.02 3.14 -19.05
N ARG B 86 22.75 3.89 -18.23
CA ARG B 86 23.16 3.45 -16.91
C ARG B 86 22.49 4.23 -15.80
N LEU B 87 22.57 5.56 -15.86
CA LEU B 87 21.97 6.39 -14.81
C LEU B 87 20.45 6.36 -14.90
N LEU B 88 19.81 6.35 -13.75
CA LEU B 88 18.37 6.17 -13.64
C LEU B 88 17.84 7.07 -12.54
N VAL B 89 16.95 7.99 -12.89
CA VAL B 89 16.33 8.89 -11.93
C VAL B 89 15.00 8.30 -11.49
N SER B 90 14.62 8.58 -10.25
CA SER B 90 13.36 8.08 -9.71
C SER B 90 12.89 9.00 -8.60
N ALA B 91 11.57 9.06 -8.43
CA ALA B 91 10.95 9.89 -7.42
C ALA B 91 9.98 9.05 -6.61
N SER B 92 9.81 9.40 -5.34
CA SER B 92 8.97 8.63 -4.44
C SER B 92 8.10 9.57 -3.63
N GLN B 93 7.31 8.98 -2.71
CA GLN B 93 6.35 9.74 -1.92
C GLN B 93 7.03 10.59 -0.86
N ASP B 94 8.21 10.17 -0.38
CA ASP B 94 8.87 10.88 0.70
C ASP B 94 9.41 12.24 0.28
N GLY B 95 9.39 12.56 -1.01
CA GLY B 95 9.86 13.86 -1.47
C GLY B 95 11.33 13.93 -1.79
N LYS B 96 11.98 12.80 -2.01
CA LYS B 96 13.39 12.77 -2.38
C LYS B 96 13.51 12.25 -3.81
N LEU B 97 14.11 13.05 -4.67
CA LEU B 97 14.41 12.64 -6.04
C LEU B 97 15.83 12.09 -6.07
N ILE B 98 15.95 10.80 -6.35
CA ILE B 98 17.23 10.11 -6.28
C ILE B 98 17.67 9.73 -7.68
N ILE B 99 18.98 9.53 -7.85
CA ILE B 99 19.56 9.12 -9.11
C ILE B 99 20.40 7.88 -8.85
N TRP B 100 20.10 6.81 -9.58
CA TRP B 100 20.78 5.54 -9.36
C TRP B 100 21.90 5.34 -10.37
N ASP B 101 22.61 4.23 -10.20
CA ASP B 101 23.56 3.70 -11.19
C ASP B 101 23.30 2.20 -11.21
N SER B 102 22.40 1.77 -12.12
CA SER B 102 21.94 0.39 -12.12
C SER B 102 23.07 -0.61 -12.36
N TYR B 103 24.15 -0.17 -12.99
CA TYR B 103 25.30 -1.07 -13.19
C TYR B 103 25.93 -1.46 -11.86
N THR B 104 26.09 -0.49 -10.95
CA THR B 104 26.77 -0.72 -9.68
C THR B 104 25.86 -0.60 -8.47
N THR B 105 24.60 -0.23 -8.67
CA THR B 105 23.62 0.00 -7.59
C THR B 105 24.20 1.01 -6.58
N ASN B 106 24.51 2.19 -7.10
CA ASN B 106 25.07 3.27 -6.31
C ASN B 106 24.27 4.53 -6.57
N LYS B 107 23.91 5.23 -5.50
CA LYS B 107 23.13 6.47 -5.60
C LYS B 107 24.08 7.61 -5.95
N VAL B 108 24.04 8.03 -7.22
CA VAL B 108 24.91 9.12 -7.66
C VAL B 108 24.50 10.43 -7.02
N HIS B 109 23.20 10.71 -6.99
CA HIS B 109 22.67 11.94 -6.41
C HIS B 109 21.40 11.60 -5.65
N ALA B 110 20.99 12.55 -4.79
CA ALA B 110 19.71 12.45 -4.08
C ALA B 110 19.23 13.88 -3.84
N ILE B 111 18.28 14.33 -4.65
CA ILE B 111 17.84 15.72 -4.66
C ILE B 111 16.58 15.82 -3.81
N PRO B 112 16.60 16.53 -2.68
CA PRO B 112 15.36 16.77 -1.94
C PRO B 112 14.43 17.69 -2.71
N LEU B 113 13.12 17.49 -2.50
CA LEU B 113 12.11 18.22 -3.23
C LEU B 113 11.26 19.05 -2.28
N ARG B 114 10.81 20.21 -2.76
CA ARG B 114 9.94 21.07 -1.96
C ARG B 114 8.58 20.42 -1.72
N SER B 115 8.03 19.76 -2.73
CA SER B 115 6.73 19.11 -2.63
C SER B 115 6.92 17.60 -2.66
N SER B 116 6.25 16.91 -1.75
CA SER B 116 6.41 15.46 -1.61
C SER B 116 5.54 14.66 -2.58
N TRP B 117 4.58 15.28 -3.25
CA TRP B 117 3.67 14.57 -4.15
C TRP B 117 4.09 14.87 -5.58
N VAL B 118 5.06 14.13 -6.07
CA VAL B 118 5.55 14.24 -7.43
C VAL B 118 5.29 12.92 -8.14
N MET B 119 4.75 13.00 -9.36
CA MET B 119 4.35 11.81 -10.10
C MET B 119 4.94 11.76 -11.49
N THR B 120 5.91 12.62 -11.81
CA THR B 120 6.59 12.58 -13.09
C THR B 120 8.09 12.77 -12.87
N CYS B 121 8.87 12.21 -13.79
CA CYS B 121 10.32 12.33 -13.77
C CYS B 121 10.81 12.56 -15.18
N ALA B 122 12.01 13.13 -15.29
CA ALA B 122 12.61 13.36 -16.59
C ALA B 122 14.12 13.29 -16.46
N TYR B 123 14.77 13.08 -17.60
CA TYR B 123 16.23 13.03 -17.67
C TYR B 123 16.60 13.53 -19.05
N ALA B 124 17.26 14.68 -19.11
CA ALA B 124 17.57 15.30 -20.38
C ALA B 124 18.51 14.42 -21.20
N PRO B 125 18.40 14.45 -22.53
CA PRO B 125 19.33 13.68 -23.37
C PRO B 125 20.78 14.04 -23.16
N SER B 126 21.07 15.31 -22.85
CA SER B 126 22.43 15.71 -22.49
C SER B 126 22.86 15.10 -21.17
N GLY B 127 21.91 14.73 -20.30
CA GLY B 127 22.22 14.04 -19.07
C GLY B 127 22.53 14.92 -17.88
N ASN B 128 22.56 16.24 -18.06
CA ASN B 128 22.90 17.16 -16.99
C ASN B 128 21.70 17.92 -16.46
N TYR B 129 20.49 17.51 -16.79
CA TYR B 129 19.29 18.14 -16.27
C TYR B 129 18.26 17.08 -15.91
N VAL B 130 17.56 17.29 -14.80
CA VAL B 130 16.50 16.42 -14.34
C VAL B 130 15.32 17.29 -13.96
N ALA B 131 14.13 16.93 -14.46
CA ALA B 131 12.91 17.65 -14.15
C ALA B 131 12.04 16.82 -13.22
N CYS B 132 11.10 17.50 -12.57
CA CYS B 132 10.16 16.84 -11.68
C CYS B 132 8.93 17.72 -11.55
N GLY B 133 7.82 17.11 -11.14
CA GLY B 133 6.59 17.85 -10.96
C GLY B 133 5.51 16.98 -10.37
N GLY B 134 4.42 17.61 -9.97
CA GLY B 134 3.32 16.90 -9.34
C GLY B 134 2.17 17.80 -8.95
N LEU B 135 1.67 17.63 -7.73
CA LEU B 135 0.54 18.42 -7.24
C LEU B 135 0.89 19.89 -7.03
N ASP B 136 2.17 20.25 -7.09
CA ASP B 136 2.55 21.65 -6.93
C ASP B 136 2.34 22.46 -8.20
N ASN B 137 1.97 21.81 -9.32
CA ASN B 137 1.74 22.48 -10.60
C ASN B 137 2.98 23.23 -11.09
N ILE B 138 4.16 22.73 -10.73
CA ILE B 138 5.42 23.37 -11.07
C ILE B 138 6.37 22.30 -11.59
N CYS B 139 7.00 22.56 -12.74
CA CYS B 139 7.98 21.66 -13.33
C CYS B 139 9.37 22.15 -12.94
N SER B 140 9.81 21.77 -11.74
CA SER B 140 11.13 22.14 -11.28
C SER B 140 12.19 21.37 -12.04
N ILE B 141 13.26 22.06 -12.43
CA ILE B 141 14.36 21.48 -13.19
C ILE B 141 15.64 21.69 -12.41
N TYR B 142 16.35 20.59 -12.13
CA TYR B 142 17.52 20.60 -11.27
C TYR B 142 18.78 20.44 -12.11
N ASN B 143 19.72 21.35 -11.91
CA ASN B 143 20.93 21.42 -12.74
C ASN B 143 21.94 20.42 -12.21
N LEU B 144 22.08 19.28 -12.89
CA LEU B 144 23.14 18.34 -12.59
C LEU B 144 24.46 18.83 -13.16
N LYS B 145 25.56 18.40 -12.54
CA LYS B 145 26.91 18.61 -13.07
C LYS B 145 27.20 20.09 -13.31
N THR B 146 26.84 20.94 -12.35
CA THR B 146 27.15 22.35 -12.47
C THR B 146 28.62 22.60 -12.18
N ARG B 147 29.06 23.85 -12.41
CA ARG B 147 30.46 24.20 -12.19
C ARG B 147 30.85 24.10 -10.72
N GLU B 148 29.90 24.22 -9.81
CA GLU B 148 30.16 24.13 -8.38
C GLU B 148 29.98 22.72 -7.84
N GLY B 149 29.62 21.76 -8.68
CA GLY B 149 29.45 20.38 -8.25
C GLY B 149 28.32 20.16 -7.26
N ASN B 150 27.16 20.74 -7.53
CA ASN B 150 26.01 20.58 -6.66
C ASN B 150 24.75 20.58 -7.51
N VAL B 151 23.66 20.07 -6.91
CA VAL B 151 22.36 20.02 -7.57
C VAL B 151 21.54 21.22 -7.11
N ARG B 152 21.13 22.05 -8.06
CA ARG B 152 20.36 23.25 -7.76
C ARG B 152 19.23 23.38 -8.77
N VAL B 153 18.14 24.01 -8.34
CA VAL B 153 16.99 24.20 -9.21
C VAL B 153 17.36 25.24 -10.26
N SER B 154 17.56 24.79 -11.50
CA SER B 154 17.96 25.70 -12.56
C SER B 154 16.81 26.61 -12.97
N ARG B 155 15.60 26.07 -13.06
CA ARG B 155 14.44 26.86 -13.47
C ARG B 155 13.18 26.20 -12.94
N GLU B 156 12.12 26.99 -12.85
CA GLU B 156 10.80 26.50 -12.46
C GLU B 156 9.77 27.04 -13.44
N LEU B 157 8.84 26.19 -13.84
CA LEU B 157 7.81 26.51 -14.82
C LEU B 157 6.46 26.42 -14.13
N ALA B 158 5.81 27.56 -13.92
CA ALA B 158 4.60 27.65 -13.11
C ALA B 158 3.42 28.20 -13.91
N GLY B 159 3.25 27.71 -15.14
CA GLY B 159 2.14 28.12 -15.98
C GLY B 159 1.01 27.11 -16.10
N HIS B 160 0.98 26.07 -15.28
CA HIS B 160 -0.05 25.05 -15.34
C HIS B 160 -1.02 25.21 -14.19
N THR B 161 -2.31 25.14 -14.49
CA THR B 161 -3.37 25.31 -13.50
C THR B 161 -3.82 23.98 -12.91
N GLY B 162 -3.16 22.88 -13.26
CA GLY B 162 -3.48 21.59 -12.70
C GLY B 162 -2.23 20.82 -12.35
N TYR B 163 -2.43 19.69 -11.67
CA TYR B 163 -1.31 18.87 -11.25
C TYR B 163 -0.57 18.30 -12.45
N LEU B 164 0.76 18.37 -12.39
CA LEU B 164 1.59 17.77 -13.43
C LEU B 164 1.45 16.27 -13.44
N SER B 165 1.30 15.71 -14.64
CA SER B 165 1.16 14.28 -14.82
C SER B 165 2.35 13.63 -15.50
N CYS B 166 2.94 14.29 -16.51
CA CYS B 166 4.09 13.76 -17.20
C CYS B 166 4.88 14.91 -17.81
N CYS B 167 6.19 14.89 -17.61
CA CYS B 167 7.09 15.86 -18.22
C CYS B 167 8.23 15.10 -18.87
N ARG B 168 8.54 15.45 -20.11
CA ARG B 168 9.62 14.82 -20.86
C ARG B 168 10.49 15.88 -21.50
N PHE B 169 11.80 15.68 -21.44
CA PHE B 169 12.75 16.66 -21.94
C PHE B 169 12.85 16.55 -23.45
N LEU B 170 12.35 17.56 -24.16
CA LEU B 170 12.48 17.57 -25.61
C LEU B 170 13.92 17.70 -26.04
N ASP B 171 14.68 18.56 -25.40
CA ASP B 171 16.10 18.78 -25.69
C ASP B 171 16.73 19.42 -24.46
N ASP B 172 17.94 19.97 -24.63
CA ASP B 172 18.59 20.68 -23.54
C ASP B 172 17.90 22.00 -23.23
N ASN B 173 17.07 22.52 -24.15
CA ASN B 173 16.48 23.85 -24.02
C ASN B 173 14.96 23.82 -23.95
N GLN B 174 14.31 22.76 -24.39
CA GLN B 174 12.86 22.69 -24.42
C GLN B 174 12.38 21.46 -23.66
N ILE B 175 11.24 21.60 -22.99
CA ILE B 175 10.59 20.50 -22.29
C ILE B 175 9.08 20.66 -22.46
N VAL B 176 8.40 19.55 -22.75
CA VAL B 176 6.96 19.55 -22.95
C VAL B 176 6.31 18.86 -21.76
N THR B 177 5.28 19.49 -21.21
CA THR B 177 4.63 19.01 -19.99
C THR B 177 3.12 18.94 -20.18
N SER B 178 2.52 17.89 -19.64
CA SER B 178 1.07 17.71 -19.62
C SER B 178 0.58 17.65 -18.19
N SER B 179 -0.44 18.44 -17.88
CA SER B 179 -0.99 18.52 -16.54
C SER B 179 -2.42 18.00 -16.53
N GLY B 180 -3.02 17.99 -15.34
CA GLY B 180 -4.37 17.51 -15.17
C GLY B 180 -5.41 18.59 -15.35
N ASP B 181 -5.03 19.68 -16.03
CA ASP B 181 -5.93 20.79 -16.31
C ASP B 181 -6.32 20.83 -17.78
N THR B 182 -6.40 19.66 -18.42
CA THR B 182 -6.94 19.41 -19.75
C THR B 182 -5.98 19.90 -20.84
N THR B 183 -4.93 20.61 -20.47
CA THR B 183 -4.01 21.17 -21.46
C THR B 183 -2.58 20.76 -21.16
N CYS B 184 -1.78 20.65 -22.22
CA CYS B 184 -0.35 20.47 -22.15
C CYS B 184 0.34 21.76 -22.59
N ALA B 185 1.66 21.79 -22.47
CA ALA B 185 2.41 22.99 -22.83
C ALA B 185 3.85 22.61 -23.14
N LEU B 186 4.44 23.38 -24.06
CA LEU B 186 5.86 23.25 -24.39
C LEU B 186 6.60 24.43 -23.81
N TRP B 187 7.67 24.16 -23.07
CA TRP B 187 8.37 25.15 -22.26
C TRP B 187 9.70 25.53 -22.90
N ASP B 188 10.25 26.63 -22.39
CA ASP B 188 11.58 27.10 -22.78
C ASP B 188 12.36 27.39 -21.50
N ILE B 189 13.55 26.81 -21.40
CA ILE B 189 14.33 26.92 -20.16
C ILE B 189 14.87 28.33 -19.99
N GLU B 190 15.34 28.95 -21.08
CA GLU B 190 15.97 30.26 -20.98
C GLU B 190 14.98 31.32 -20.52
N THR B 191 13.75 31.30 -21.05
CA THR B 191 12.77 32.32 -20.71
C THR B 191 11.82 31.89 -19.60
N GLY B 192 11.58 30.59 -19.45
CA GLY B 192 10.68 30.13 -18.42
C GLY B 192 9.20 30.27 -18.74
N GLN B 193 8.86 30.49 -20.00
CA GLN B 193 7.47 30.67 -20.42
C GLN B 193 7.14 29.67 -21.53
N GLN B 194 5.86 29.38 -21.67
CA GLN B 194 5.41 28.42 -22.67
C GLN B 194 5.61 28.96 -24.07
N THR B 195 6.23 28.18 -24.94
CA THR B 195 6.31 28.56 -26.35
C THR B 195 5.05 28.18 -27.10
N THR B 196 4.45 27.05 -26.76
CA THR B 196 3.20 26.61 -27.37
C THR B 196 2.38 25.86 -26.33
N THR B 197 1.06 25.92 -26.49
CA THR B 197 0.14 25.21 -25.60
C THR B 197 -0.84 24.40 -26.43
N PHE B 198 -1.39 23.36 -25.80
CA PHE B 198 -2.28 22.39 -26.45
C PHE B 198 -3.53 22.26 -25.60
N THR B 199 -4.52 23.13 -25.83
CA THR B 199 -5.67 23.24 -24.94
C THR B 199 -6.86 22.39 -25.34
N GLY B 200 -6.81 21.72 -26.50
CA GLY B 200 -7.97 20.99 -26.95
C GLY B 200 -8.03 19.56 -26.45
N HIS B 201 -8.77 19.32 -25.36
CA HIS B 201 -8.90 17.99 -24.78
C HIS B 201 -10.09 18.01 -23.83
N THR B 202 -10.34 16.87 -23.19
CA THR B 202 -11.37 16.75 -22.17
C THR B 202 -10.80 15.92 -21.03
N GLY B 203 -11.33 16.14 -19.83
CA GLY B 203 -10.79 15.42 -18.70
C GLY B 203 -9.41 15.94 -18.33
N ASP B 204 -8.65 15.07 -17.66
CA ASP B 204 -7.31 15.40 -17.19
C ASP B 204 -6.29 14.56 -17.94
N VAL B 205 -5.27 15.22 -18.51
CA VAL B 205 -4.21 14.50 -19.19
C VAL B 205 -3.39 13.72 -18.17
N MET B 206 -3.16 12.44 -18.44
CA MET B 206 -2.52 11.55 -17.48
C MET B 206 -1.06 11.25 -17.79
N SER B 207 -0.68 11.18 -19.06
CA SER B 207 0.71 10.92 -19.41
C SER B 207 0.92 11.24 -20.89
N LEU B 208 2.17 11.54 -21.24
CA LEU B 208 2.56 11.86 -22.60
C LEU B 208 3.80 11.06 -22.97
N SER B 209 4.08 11.01 -24.27
CA SER B 209 5.27 10.34 -24.76
C SER B 209 5.70 10.94 -26.08
N LEU B 210 6.98 11.31 -26.17
CA LEU B 210 7.53 11.92 -27.37
C LEU B 210 7.72 10.90 -28.49
N ALA B 211 7.72 11.40 -29.71
CA ALA B 211 8.05 10.58 -30.85
C ALA B 211 9.56 10.35 -30.91
N PRO B 212 10.00 9.26 -31.55
CA PRO B 212 11.45 9.08 -31.75
C PRO B 212 12.10 10.21 -32.52
N ASP B 213 11.38 10.83 -33.45
CA ASP B 213 11.91 12.00 -34.16
C ASP B 213 11.80 13.28 -33.36
N THR B 214 11.13 13.25 -32.21
CA THR B 214 10.94 14.40 -31.31
C THR B 214 10.21 15.56 -31.97
N ARG B 215 9.52 15.31 -33.08
CA ARG B 215 8.73 16.33 -33.75
C ARG B 215 7.25 16.28 -33.40
N LEU B 216 6.75 15.12 -32.99
CA LEU B 216 5.38 14.94 -32.56
C LEU B 216 5.36 14.37 -31.15
N PHE B 217 4.20 14.45 -30.51
CA PHE B 217 3.98 13.75 -29.25
C PHE B 217 2.51 13.49 -29.08
N VAL B 218 2.19 12.59 -28.14
CA VAL B 218 0.84 12.12 -27.92
C VAL B 218 0.52 12.26 -26.43
N SER B 219 -0.77 12.35 -26.14
CA SER B 219 -1.21 12.56 -24.76
C SER B 219 -2.50 11.81 -24.54
N GLY B 220 -2.51 10.89 -23.58
CA GLY B 220 -3.71 10.17 -23.20
C GLY B 220 -4.29 10.77 -21.93
N ALA B 221 -5.62 10.93 -21.91
CA ALA B 221 -6.27 11.60 -20.80
C ALA B 221 -7.37 10.76 -20.18
N CYS B 222 -8.13 11.37 -19.27
CA CYS B 222 -9.17 10.69 -18.53
C CYS B 222 -10.51 10.68 -19.27
N ASP B 223 -10.58 11.24 -20.46
CA ASP B 223 -11.80 11.22 -21.27
C ASP B 223 -11.90 10.01 -22.16
N ALA B 224 -11.11 8.96 -21.88
CA ALA B 224 -11.03 7.76 -22.71
C ALA B 224 -10.66 8.11 -24.15
N SER B 225 -9.71 9.01 -24.31
CA SER B 225 -9.27 9.46 -25.63
C SER B 225 -7.82 9.87 -25.58
N ALA B 226 -7.13 9.69 -26.71
CA ALA B 226 -5.75 10.11 -26.87
C ALA B 226 -5.62 10.90 -28.16
N LYS B 227 -4.84 11.97 -28.11
CA LYS B 227 -4.70 12.88 -29.25
C LYS B 227 -3.24 13.04 -29.60
N LEU B 228 -2.95 13.07 -30.91
CA LEU B 228 -1.60 13.32 -31.40
C LEU B 228 -1.41 14.80 -31.67
N TRP B 229 -0.33 15.36 -31.16
CA TRP B 229 -0.05 16.78 -31.29
C TRP B 229 1.20 17.00 -32.14
N ASP B 230 1.31 18.23 -32.65
CA ASP B 230 2.50 18.66 -33.38
C ASP B 230 3.17 19.76 -32.57
N VAL B 231 4.45 19.58 -32.29
CA VAL B 231 5.17 20.54 -31.44
C VAL B 231 5.33 21.87 -32.15
N ARG B 232 5.68 21.86 -33.43
CA ARG B 232 5.94 23.10 -34.15
C ARG B 232 4.68 23.92 -34.36
N GLU B 233 3.56 23.27 -34.66
CA GLU B 233 2.32 23.98 -34.96
C GLU B 233 1.40 24.14 -33.76
N GLY B 234 1.48 23.23 -32.79
CA GLY B 234 0.60 23.30 -31.63
C GLY B 234 -0.86 23.07 -31.93
N MET B 235 -1.17 22.11 -32.80
CA MET B 235 -2.54 21.77 -33.15
C MET B 235 -2.70 20.26 -33.17
N CYS B 236 -3.84 19.79 -32.68
CA CYS B 236 -4.12 18.36 -32.70
C CYS B 236 -4.37 17.89 -34.12
N ARG B 237 -3.91 16.68 -34.43
CA ARG B 237 -4.08 16.09 -35.74
C ARG B 237 -5.06 14.94 -35.78
N GLN B 238 -5.01 14.03 -34.81
CA GLN B 238 -5.90 12.89 -34.77
C GLN B 238 -6.37 12.67 -33.34
N THR B 239 -7.53 12.04 -33.22
CA THR B 239 -8.09 11.64 -31.93
C THR B 239 -8.54 10.20 -31.99
N PHE B 240 -8.20 9.43 -30.97
CA PHE B 240 -8.45 7.99 -30.94
C PHE B 240 -9.33 7.67 -29.73
N THR B 241 -10.61 7.41 -29.98
CA THR B 241 -11.59 7.13 -28.94
C THR B 241 -11.92 5.64 -29.02
N GLY B 242 -11.12 4.82 -28.35
CA GLY B 242 -11.35 3.39 -28.34
C GLY B 242 -11.61 2.83 -26.95
N HIS B 243 -11.06 3.48 -25.94
CA HIS B 243 -11.19 3.00 -24.57
C HIS B 243 -12.51 3.45 -23.97
N GLU B 244 -12.83 2.87 -22.81
CA GLU B 244 -14.08 3.16 -22.11
C GLU B 244 -13.83 3.66 -20.69
N SER B 245 -12.58 3.97 -20.34
CA SER B 245 -12.25 4.50 -19.02
C SER B 245 -11.03 5.41 -19.16
N ASP B 246 -10.55 5.91 -18.04
CA ASP B 246 -9.45 6.87 -18.05
C ASP B 246 -8.16 6.21 -18.51
N ILE B 247 -7.55 6.77 -19.55
CA ILE B 247 -6.26 6.28 -20.01
C ILE B 247 -5.18 6.73 -19.02
N ASN B 248 -4.39 5.77 -18.55
CA ASN B 248 -3.40 6.03 -17.50
C ASN B 248 -2.00 6.28 -18.04
N ALA B 249 -1.53 5.45 -18.96
CA ALA B 249 -0.20 5.58 -19.53
C ALA B 249 -0.25 5.37 -21.03
N ILE B 250 0.68 6.02 -21.73
CA ILE B 250 0.75 5.95 -23.18
C ILE B 250 2.21 6.09 -23.58
N CYS B 251 2.62 5.31 -24.59
CA CYS B 251 4.02 5.26 -24.97
C CYS B 251 4.11 5.02 -26.47
N PHE B 252 4.94 5.82 -27.16
CA PHE B 252 5.12 5.66 -28.59
C PHE B 252 5.75 4.33 -28.94
N PHE B 253 5.35 3.79 -30.09
CA PHE B 253 6.02 2.66 -30.68
C PHE B 253 7.44 3.07 -31.12
N PRO B 254 8.40 2.15 -31.04
CA PRO B 254 9.76 2.49 -31.48
C PRO B 254 9.83 2.92 -32.94
N ASN B 255 8.95 2.39 -33.80
CA ASN B 255 8.94 2.83 -35.19
C ASN B 255 8.46 4.27 -35.30
N GLY B 256 7.65 4.73 -34.37
CA GLY B 256 7.17 6.10 -34.35
C GLY B 256 5.83 6.33 -35.00
N ASN B 257 5.20 5.30 -35.55
CA ASN B 257 3.90 5.43 -36.20
C ASN B 257 2.82 4.67 -35.45
N ALA B 258 3.00 4.43 -34.16
CA ALA B 258 1.98 3.77 -33.35
C ALA B 258 2.25 4.09 -31.89
N PHE B 259 1.30 3.70 -31.03
CA PHE B 259 1.47 3.80 -29.59
C PHE B 259 0.46 2.87 -28.92
N ALA B 260 0.68 2.66 -27.62
CA ALA B 260 -0.20 1.81 -26.83
C ALA B 260 -0.73 2.59 -25.65
N THR B 261 -2.01 2.40 -25.35
CA THR B 261 -2.71 3.12 -24.29
C THR B 261 -3.20 2.12 -23.25
N GLY B 262 -2.80 2.32 -22.00
CA GLY B 262 -3.30 1.51 -20.92
C GLY B 262 -4.25 2.31 -20.05
N SER B 263 -5.46 1.80 -19.84
CA SER B 263 -6.52 2.55 -19.17
C SER B 263 -6.99 1.82 -17.92
N ASP B 264 -7.94 2.46 -17.23
CA ASP B 264 -8.53 1.91 -16.02
C ASP B 264 -9.51 0.78 -16.29
N ASP B 265 -9.86 0.52 -17.54
CA ASP B 265 -10.76 -0.56 -17.90
C ASP B 265 -10.08 -1.92 -17.91
N ALA B 266 -8.87 -2.03 -17.35
CA ALA B 266 -8.11 -3.27 -17.27
C ALA B 266 -7.86 -3.86 -18.66
N THR B 267 -7.55 -3.00 -19.63
CA THR B 267 -7.39 -3.44 -21.01
C THR B 267 -6.53 -2.42 -21.74
N CYS B 268 -5.48 -2.91 -22.41
CA CYS B 268 -4.65 -2.07 -23.26
C CYS B 268 -5.13 -2.14 -24.70
N ARG B 269 -4.69 -1.16 -25.49
CA ARG B 269 -4.98 -1.12 -26.91
C ARG B 269 -3.79 -0.51 -27.63
N LEU B 270 -3.69 -0.78 -28.93
CA LEU B 270 -2.63 -0.23 -29.78
C LEU B 270 -3.26 0.56 -30.90
N PHE B 271 -2.83 1.80 -31.07
CA PHE B 271 -3.38 2.71 -32.06
C PHE B 271 -2.33 3.01 -33.12
N ASP B 272 -2.77 3.04 -34.38
CA ASP B 272 -1.90 3.38 -35.50
C ASP B 272 -2.22 4.79 -35.96
N LEU B 273 -1.18 5.61 -36.07
CA LEU B 273 -1.37 7.00 -36.48
C LEU B 273 -1.92 7.09 -37.90
N ARG B 274 -1.41 6.27 -38.81
CA ARG B 274 -1.88 6.31 -40.20
C ARG B 274 -3.29 5.76 -40.31
N ALA B 275 -3.56 4.61 -39.69
CA ALA B 275 -4.87 3.99 -39.81
C ALA B 275 -5.93 4.74 -39.02
N ASP B 276 -5.52 5.47 -37.98
CA ASP B 276 -6.43 6.23 -37.12
C ASP B 276 -7.52 5.33 -36.52
N GLN B 277 -7.12 4.13 -36.11
CA GLN B 277 -8.05 3.14 -35.59
C GLN B 277 -7.29 2.16 -34.72
N GLU B 278 -7.93 1.71 -33.64
CA GLU B 278 -7.32 0.72 -32.75
C GLU B 278 -7.05 -0.57 -33.52
N LEU B 279 -5.84 -1.11 -33.37
CA LEU B 279 -5.44 -2.33 -34.03
C LEU B 279 -5.61 -3.56 -33.15
N MET B 280 -5.00 -3.55 -31.97
CA MET B 280 -5.05 -4.68 -31.05
C MET B 280 -5.75 -4.29 -29.76
N THR B 281 -6.21 -5.31 -29.04
CA THR B 281 -6.91 -5.11 -27.76
C THR B 281 -6.42 -6.21 -26.81
N TYR B 282 -5.41 -5.87 -26.01
CA TYR B 282 -4.79 -6.83 -25.10
C TYR B 282 -5.64 -6.93 -23.83
N SER B 283 -6.70 -7.72 -23.92
CA SER B 283 -7.65 -7.89 -22.83
C SER B 283 -7.75 -9.35 -22.45
N HIS B 284 -8.00 -9.59 -21.16
CA HIS B 284 -8.19 -10.94 -20.64
C HIS B 284 -9.39 -10.93 -19.71
N ASP B 285 -10.04 -12.09 -19.59
CA ASP B 285 -11.22 -12.19 -18.72
C ASP B 285 -10.83 -12.12 -17.24
N ASN B 286 -9.64 -12.61 -16.89
CA ASN B 286 -9.20 -12.67 -15.50
C ASN B 286 -8.56 -11.37 -15.02
N ILE B 287 -8.48 -10.35 -15.88
CA ILE B 287 -7.87 -9.08 -15.53
C ILE B 287 -8.96 -8.10 -15.15
N ILE B 288 -8.93 -7.64 -13.91
CA ILE B 288 -9.91 -6.68 -13.41
C ILE B 288 -9.27 -5.41 -12.86
N CYS B 289 -7.95 -5.35 -12.78
CA CYS B 289 -7.25 -4.16 -12.29
C CYS B 289 -6.74 -3.36 -13.49
N GLY B 290 -6.86 -2.03 -13.38
CA GLY B 290 -6.47 -1.16 -14.47
C GLY B 290 -4.97 -1.10 -14.67
N ILE B 291 -4.58 -0.43 -15.73
CA ILE B 291 -3.18 -0.30 -16.12
C ILE B 291 -2.60 0.91 -15.39
N THR B 292 -1.35 0.81 -14.96
CA THR B 292 -0.65 1.91 -14.32
C THR B 292 0.50 2.47 -15.15
N SER B 293 1.18 1.63 -15.93
CA SER B 293 2.28 2.08 -16.76
C SER B 293 2.41 1.18 -17.97
N VAL B 294 2.85 1.78 -19.08
CA VAL B 294 3.00 1.09 -20.35
C VAL B 294 4.35 1.48 -20.95
N SER B 295 5.12 0.50 -21.40
CA SER B 295 6.38 0.75 -22.07
C SER B 295 6.57 -0.29 -23.17
N PHE B 296 7.34 0.08 -24.18
CA PHE B 296 7.64 -0.80 -25.30
C PHE B 296 9.11 -1.21 -25.26
N SER B 297 9.38 -2.41 -25.79
CA SER B 297 10.74 -2.88 -25.91
C SER B 297 11.44 -2.17 -27.07
N LYS B 298 12.71 -2.52 -27.29
CA LYS B 298 13.49 -1.84 -28.32
C LYS B 298 12.95 -2.13 -29.71
N SER B 299 12.56 -3.37 -29.98
CA SER B 299 12.11 -3.75 -31.31
C SER B 299 10.62 -3.50 -31.53
N GLY B 300 9.88 -3.13 -30.49
CA GLY B 300 8.45 -2.98 -30.63
C GLY B 300 7.70 -4.29 -30.70
N ARG B 301 8.33 -5.39 -30.32
CA ARG B 301 7.68 -6.69 -30.30
C ARG B 301 7.09 -7.03 -28.94
N LEU B 302 7.73 -6.53 -27.87
CA LEU B 302 7.28 -6.83 -26.53
C LEU B 302 6.72 -5.59 -25.86
N LEU B 303 5.44 -5.66 -25.49
CA LEU B 303 4.78 -4.53 -24.84
C LEU B 303 4.69 -4.83 -23.35
N LEU B 304 5.48 -4.11 -22.55
CA LEU B 304 5.46 -4.27 -21.11
C LEU B 304 4.42 -3.33 -20.50
N ALA B 305 3.53 -3.88 -19.69
CA ALA B 305 2.44 -3.11 -19.10
C ALA B 305 2.43 -3.30 -17.59
N GLY B 306 2.50 -2.19 -16.86
CA GLY B 306 2.36 -2.25 -15.42
C GLY B 306 0.88 -2.31 -15.03
N TYR B 307 0.59 -3.06 -13.98
CA TYR B 307 -0.77 -3.31 -13.55
C TYR B 307 -0.96 -2.93 -12.09
N ASP B 308 -2.20 -2.61 -11.74
CA ASP B 308 -2.59 -2.40 -10.35
C ASP B 308 -2.93 -3.71 -9.65
N ASP B 309 -2.65 -4.85 -10.29
CA ASP B 309 -2.92 -6.17 -9.74
C ASP B 309 -1.70 -6.78 -9.08
N PHE B 310 -0.90 -5.95 -8.41
CA PHE B 310 0.23 -6.33 -7.56
C PHE B 310 1.43 -6.80 -8.36
N ASN B 311 1.39 -6.74 -9.69
CA ASN B 311 2.51 -7.21 -10.51
C ASN B 311 2.45 -6.53 -11.86
N CYS B 312 3.40 -6.87 -12.72
CA CYS B 312 3.44 -6.38 -14.09
C CYS B 312 2.86 -7.44 -15.02
N ASN B 313 2.92 -7.15 -16.32
CA ASN B 313 2.57 -8.12 -17.35
C ASN B 313 3.35 -7.76 -18.60
N VAL B 314 3.71 -8.77 -19.36
CA VAL B 314 4.62 -8.60 -20.50
C VAL B 314 3.84 -9.05 -21.72
N TRP B 315 3.14 -8.10 -22.36
CA TRP B 315 2.22 -8.39 -23.44
C TRP B 315 2.93 -8.47 -24.79
N ASP B 316 2.54 -9.43 -25.59
CA ASP B 316 2.97 -9.47 -26.99
C ASP B 316 2.37 -8.28 -27.73
N ALA B 317 3.14 -7.70 -28.65
CA ALA B 317 2.69 -6.46 -29.31
C ALA B 317 1.57 -6.73 -30.31
N LEU B 318 1.67 -7.81 -31.08
CA LEU B 318 0.73 -8.06 -32.16
C LEU B 318 0.17 -9.48 -32.12
N LYS B 319 0.12 -10.07 -30.92
CA LYS B 319 -0.52 -11.36 -30.74
C LYS B 319 -1.66 -11.32 -29.74
N ALA B 320 -1.79 -10.25 -28.96
CA ALA B 320 -2.85 -10.09 -27.96
C ALA B 320 -2.85 -11.25 -26.96
N ASP B 321 -1.66 -11.71 -26.61
CA ASP B 321 -1.50 -12.79 -25.63
C ASP B 321 -0.35 -12.43 -24.70
N ARG B 322 -0.41 -12.95 -23.49
CA ARG B 322 0.64 -12.71 -22.51
C ARG B 322 1.92 -13.44 -22.91
N ALA B 323 3.04 -12.92 -22.40
CA ALA B 323 4.32 -13.58 -22.58
C ALA B 323 5.12 -13.71 -21.30
N GLY B 324 4.75 -13.00 -20.23
CA GLY B 324 5.47 -13.11 -18.99
C GLY B 324 4.80 -12.29 -17.91
N VAL B 325 5.16 -12.59 -16.67
CA VAL B 325 4.64 -11.91 -15.50
C VAL B 325 5.82 -11.54 -14.59
N LEU B 326 5.91 -10.26 -14.24
CA LEU B 326 6.95 -9.79 -13.34
C LEU B 326 6.32 -9.57 -11.96
N ALA B 327 6.24 -10.66 -11.20
CA ALA B 327 5.55 -10.67 -9.92
C ALA B 327 6.51 -10.48 -8.74
N GLY B 328 7.66 -9.84 -8.97
CA GLY B 328 8.59 -9.64 -7.87
C GLY B 328 8.12 -8.62 -6.86
N HIS B 329 7.34 -7.64 -7.31
CA HIS B 329 6.91 -6.57 -6.42
C HIS B 329 5.83 -7.05 -5.45
N ASP B 330 5.80 -6.42 -4.27
CA ASP B 330 4.96 -6.89 -3.19
C ASP B 330 3.90 -5.88 -2.75
N ASN B 331 3.82 -4.71 -3.38
CA ASN B 331 2.74 -3.77 -3.10
C ASN B 331 1.91 -3.45 -4.33
N ARG B 332 2.55 -3.00 -5.41
CA ARG B 332 1.88 -2.54 -6.62
C ARG B 332 2.94 -2.35 -7.69
N VAL B 333 2.51 -1.82 -8.84
CA VAL B 333 3.41 -1.30 -9.86
C VAL B 333 2.88 0.06 -10.27
N SER B 334 3.74 1.08 -10.19
CA SER B 334 3.34 2.44 -10.51
C SER B 334 4.13 3.08 -11.64
N CYS B 335 5.28 2.53 -12.00
CA CYS B 335 6.07 3.08 -13.10
C CYS B 335 6.84 1.96 -13.78
N LEU B 336 7.14 2.18 -15.05
CA LEU B 336 7.79 1.19 -15.88
C LEU B 336 8.58 1.90 -16.97
N GLY B 337 9.83 1.49 -17.15
CA GLY B 337 10.67 2.11 -18.17
C GLY B 337 11.64 1.14 -18.79
N VAL B 338 11.82 1.22 -20.10
CA VAL B 338 12.71 0.35 -20.85
C VAL B 338 13.96 1.14 -21.21
N THR B 339 15.12 0.54 -20.98
CA THR B 339 16.40 1.22 -21.22
C THR B 339 16.55 1.54 -22.71
N ASP B 340 17.23 2.66 -22.99
CA ASP B 340 17.24 3.25 -24.33
C ASP B 340 17.71 2.27 -25.40
N ASP B 341 18.77 1.50 -25.11
CA ASP B 341 19.22 0.49 -26.06
C ASP B 341 18.64 -0.89 -25.78
N GLY B 342 17.59 -0.95 -24.97
CA GLY B 342 16.84 -2.18 -24.78
C GLY B 342 17.50 -3.23 -23.92
N MET B 343 18.59 -2.90 -23.23
CA MET B 343 19.34 -3.91 -22.49
C MET B 343 18.70 -4.27 -21.16
N ALA B 344 17.75 -3.48 -20.67
CA ALA B 344 17.12 -3.75 -19.39
C ALA B 344 15.80 -3.00 -19.31
N VAL B 345 14.99 -3.37 -18.31
CA VAL B 345 13.77 -2.65 -17.97
C VAL B 345 13.80 -2.40 -16.46
N ALA B 346 13.03 -1.41 -16.03
CA ALA B 346 12.96 -1.04 -14.63
C ALA B 346 11.50 -0.82 -14.26
N THR B 347 11.04 -1.48 -13.20
CA THR B 347 9.67 -1.37 -12.72
C THR B 347 9.69 -0.90 -11.28
N GLY B 348 8.98 0.19 -11.00
CA GLY B 348 8.79 0.66 -9.64
C GLY B 348 7.62 -0.01 -8.98
N SER B 349 7.39 0.34 -7.72
CA SER B 349 6.35 -0.29 -6.94
C SER B 349 5.90 0.66 -5.84
N TRP B 350 4.75 0.35 -5.25
CA TRP B 350 4.29 1.12 -4.10
C TRP B 350 5.07 0.77 -2.84
N ASP B 351 5.79 -0.34 -2.83
CA ASP B 351 6.87 -0.51 -1.87
C ASP B 351 8.09 0.23 -2.37
N SER B 352 8.94 0.68 -1.44
CA SER B 352 10.05 1.54 -1.81
C SER B 352 11.17 0.75 -2.46
N PHE B 353 10.86 -0.05 -3.47
CA PHE B 353 11.82 -0.90 -4.17
C PHE B 353 11.82 -0.53 -5.65
N LEU B 354 12.95 -0.81 -6.30
CA LEU B 354 13.08 -0.63 -7.74
C LEU B 354 13.82 -1.84 -8.29
N LYS B 355 13.12 -2.64 -9.09
CA LYS B 355 13.66 -3.90 -9.59
C LYS B 355 14.03 -3.75 -11.06
N ILE B 356 15.28 -4.07 -11.38
CA ILE B 356 15.75 -4.10 -12.76
C ILE B 356 15.63 -5.53 -13.26
N TRP B 357 14.91 -5.72 -14.35
CA TRP B 357 14.65 -7.04 -14.90
C TRP B 357 15.42 -7.24 -16.20
N ASN B 358 15.66 -8.49 -16.54
CA ASN B 358 16.39 -8.83 -17.76
C ASN B 358 16.09 -10.27 -18.20
N LEU C 15 -15.65 21.71 -31.34
CA LEU C 15 -15.79 20.26 -31.51
C LEU C 15 -16.10 19.90 -32.96
N VAL C 16 -17.00 20.65 -33.59
CA VAL C 16 -17.34 20.38 -34.99
C VAL C 16 -16.16 20.66 -35.89
N GLU C 17 -15.38 21.70 -35.59
CA GLU C 17 -14.18 21.98 -36.36
C GLU C 17 -13.15 20.87 -36.22
N GLN C 18 -12.95 20.37 -35.00
CA GLN C 18 -12.02 19.27 -34.79
C GLN C 18 -12.48 18.00 -35.50
N LEU C 19 -13.79 17.75 -35.50
CA LEU C 19 -14.32 16.61 -36.25
C LEU C 19 -14.10 16.80 -37.75
N LYS C 20 -14.21 18.04 -38.23
CA LYS C 20 -13.95 18.32 -39.64
C LYS C 20 -12.50 18.04 -40.01
N MET C 21 -11.56 18.45 -39.15
CA MET C 21 -10.16 18.10 -39.39
C MET C 21 -9.94 16.59 -39.34
N GLU C 22 -10.58 15.91 -38.39
CA GLU C 22 -10.43 14.46 -38.27
C GLU C 22 -11.06 13.70 -39.42
N ALA C 23 -11.99 14.33 -40.15
CA ALA C 23 -12.64 13.65 -41.27
C ALA C 23 -11.67 13.44 -42.42
N ASN C 24 -10.75 14.38 -42.63
CA ASN C 24 -9.85 14.35 -43.77
C ASN C 24 -8.51 13.70 -43.45
N ILE C 25 -8.36 13.10 -42.27
CA ILE C 25 -7.09 12.49 -41.88
C ILE C 25 -7.09 10.98 -42.03
N ASP C 26 -8.26 10.35 -42.17
CA ASP C 26 -8.31 8.90 -42.37
C ASP C 26 -7.89 8.55 -43.78
N ARG C 27 -6.59 8.36 -44.00
CA ARG C 27 -6.04 8.19 -45.34
C ARG C 27 -5.05 7.03 -45.37
N ILE C 28 -5.40 5.90 -44.74
CA ILE C 28 -4.55 4.71 -44.74
C ILE C 28 -5.42 3.51 -44.44
N LYS C 29 -4.91 2.32 -44.77
CA LYS C 29 -5.60 1.07 -44.52
C LYS C 29 -5.01 0.39 -43.29
N VAL C 30 -5.86 -0.38 -42.59
CA VAL C 30 -5.43 -1.04 -41.36
C VAL C 30 -4.43 -2.15 -41.66
N SER C 31 -4.62 -2.88 -42.77
CA SER C 31 -3.71 -3.97 -43.11
C SER C 31 -2.32 -3.42 -43.45
N LYS C 32 -2.25 -2.25 -44.07
CA LYS C 32 -0.96 -1.63 -44.35
C LYS C 32 -0.22 -1.28 -43.06
N ALA C 33 -0.94 -0.74 -42.07
CA ALA C 33 -0.30 -0.43 -40.79
C ALA C 33 0.15 -1.69 -40.07
N ALA C 34 -0.66 -2.75 -40.11
CA ALA C 34 -0.28 -4.01 -39.50
C ALA C 34 0.96 -4.59 -40.16
N ALA C 35 1.01 -4.54 -41.49
CA ALA C 35 2.17 -5.05 -42.22
C ALA C 35 3.42 -4.23 -41.92
N ASP C 36 3.26 -2.90 -41.81
CA ASP C 36 4.41 -2.06 -41.49
C ASP C 36 4.95 -2.35 -40.10
N LEU C 37 4.06 -2.51 -39.11
CA LEU C 37 4.51 -2.85 -37.77
C LEU C 37 5.16 -4.23 -37.73
N MET C 38 4.58 -5.21 -38.44
CA MET C 38 5.16 -6.54 -38.48
C MET C 38 6.56 -6.53 -39.11
N ALA C 39 6.72 -5.82 -40.22
CA ALA C 39 8.03 -5.71 -40.85
C ALA C 39 9.02 -4.99 -39.94
N TYR C 40 8.54 -4.00 -39.18
CA TYR C 40 9.44 -3.29 -38.27
C TYR C 40 9.95 -4.21 -37.17
N CYS C 41 9.06 -5.00 -36.55
CA CYS C 41 9.55 -5.87 -35.49
C CYS C 41 10.40 -7.01 -36.06
N GLU C 42 10.09 -7.45 -37.28
CA GLU C 42 10.92 -8.48 -37.91
C GLU C 42 12.33 -7.95 -38.19
N ALA C 43 12.44 -6.70 -38.65
CA ALA C 43 13.75 -6.14 -38.96
C ALA C 43 14.57 -5.86 -37.72
N HIS C 44 13.93 -5.45 -36.63
CA HIS C 44 14.63 -5.04 -35.42
C HIS C 44 14.68 -6.11 -34.35
N ALA C 45 14.24 -7.34 -34.66
CA ALA C 45 14.25 -8.41 -33.66
C ALA C 45 15.67 -8.84 -33.31
N LYS C 46 16.62 -8.63 -34.22
CA LYS C 46 18.00 -9.04 -33.96
C LYS C 46 18.62 -8.22 -32.84
N GLU C 47 18.36 -6.91 -32.81
CA GLU C 47 18.96 -6.02 -31.84
C GLU C 47 18.22 -6.00 -30.50
N ASP C 48 17.08 -6.66 -30.40
CA ASP C 48 16.32 -6.67 -29.15
C ASP C 48 16.84 -7.76 -28.23
N PRO C 49 17.37 -7.42 -27.05
CA PRO C 49 17.84 -8.46 -26.12
C PRO C 49 16.73 -9.19 -25.38
N LEU C 50 15.50 -8.68 -25.42
CA LEU C 50 14.41 -9.28 -24.68
C LEU C 50 13.47 -10.07 -25.61
N GLN D 1 -15.70 5.09 -27.95
CA GLN D 1 -16.39 6.36 -27.79
C GLN D 1 -17.62 6.21 -26.92
N VAL D 2 -17.50 6.64 -25.66
CA VAL D 2 -18.59 6.51 -24.71
C VAL D 2 -19.66 7.55 -25.06
N GLN D 3 -20.89 7.07 -25.30
CA GLN D 3 -21.99 7.94 -25.65
C GLN D 3 -23.22 7.55 -24.85
N LEU D 4 -23.98 8.55 -24.42
CA LEU D 4 -25.22 8.34 -23.68
C LEU D 4 -26.27 9.32 -24.17
N GLN D 5 -27.51 8.83 -24.30
CA GLN D 5 -28.62 9.65 -24.78
C GLN D 5 -29.87 9.29 -24.01
N GLU D 6 -30.55 10.31 -23.48
CA GLU D 6 -31.76 10.13 -22.70
C GLU D 6 -33.01 10.48 -23.52
N SER D 7 -34.16 10.04 -23.03
CA SER D 7 -35.42 10.32 -23.69
C SER D 7 -36.56 10.18 -22.68
N GLY D 8 -37.72 10.72 -23.05
CA GLY D 8 -38.90 10.58 -22.24
C GLY D 8 -39.07 11.63 -21.16
N GLY D 9 -39.11 12.90 -21.55
CA GLY D 9 -39.33 13.98 -20.61
C GLY D 9 -39.93 15.23 -21.22
N GLY D 10 -40.14 16.25 -20.40
CA GLY D 10 -40.66 17.51 -20.91
C GLY D 10 -42.17 17.64 -20.88
N LEU D 11 -42.86 16.73 -20.21
CA LEU D 11 -44.32 16.82 -20.09
C LEU D 11 -44.71 16.13 -18.77
N VAL D 12 -44.89 16.93 -17.73
CA VAL D 12 -45.25 16.42 -16.40
C VAL D 12 -46.38 17.29 -15.85
N GLN D 13 -47.38 16.64 -15.27
CA GLN D 13 -48.39 17.30 -14.47
C GLN D 13 -48.03 17.22 -12.99
N PRO D 14 -48.35 18.24 -12.19
CA PRO D 14 -48.11 18.14 -10.74
C PRO D 14 -48.82 16.93 -10.15
N GLY D 15 -48.02 15.99 -9.66
CA GLY D 15 -48.52 14.68 -9.27
C GLY D 15 -48.60 13.68 -10.39
N GLY D 16 -48.05 14.00 -11.56
CA GLY D 16 -48.09 13.11 -12.70
C GLY D 16 -46.98 12.09 -12.68
N SER D 17 -46.74 11.48 -13.84
CA SER D 17 -45.79 10.39 -13.93
C SER D 17 -45.29 10.26 -15.37
N LEU D 18 -44.01 9.91 -15.50
CA LEU D 18 -43.44 9.50 -16.78
C LEU D 18 -42.31 8.51 -16.51
N ARG D 19 -41.47 8.30 -17.52
CA ARG D 19 -40.44 7.28 -17.46
C ARG D 19 -39.22 7.76 -18.25
N LEU D 20 -38.04 7.61 -17.66
CA LEU D 20 -36.80 8.09 -18.24
C LEU D 20 -35.95 6.91 -18.68
N SER D 21 -35.41 6.99 -19.89
CA SER D 21 -34.62 5.91 -20.47
C SER D 21 -33.37 6.50 -21.08
N CYS D 22 -32.19 6.04 -20.64
CA CYS D 22 -30.92 6.46 -21.22
C CYS D 22 -30.28 5.29 -21.93
N ALA D 23 -29.86 5.51 -23.17
CA ALA D 23 -29.22 4.47 -23.97
C ALA D 23 -27.71 4.59 -23.85
N ALA D 24 -27.03 3.45 -23.96
CA ALA D 24 -25.59 3.40 -23.80
C ALA D 24 -24.97 2.59 -24.94
N SER D 25 -23.75 2.98 -25.32
CA SER D 25 -23.01 2.28 -26.35
C SER D 25 -21.53 2.56 -26.15
N GLY D 26 -20.70 1.67 -26.69
CA GLY D 26 -19.26 1.82 -26.61
C GLY D 26 -18.62 1.25 -25.37
N PHE D 27 -19.40 0.74 -24.42
CA PHE D 27 -18.85 0.15 -23.21
C PHE D 27 -19.79 -0.94 -22.72
N THR D 28 -19.24 -1.84 -21.91
CA THR D 28 -20.03 -2.92 -21.34
C THR D 28 -20.91 -2.39 -20.21
N PHE D 29 -22.19 -2.77 -20.22
CA PHE D 29 -23.14 -2.26 -19.24
C PHE D 29 -22.98 -2.90 -17.87
N SER D 30 -22.67 -4.20 -17.82
CA SER D 30 -22.72 -4.93 -16.55
C SER D 30 -21.56 -4.58 -15.64
N ASN D 31 -20.41 -4.20 -16.20
CA ASN D 31 -19.21 -3.98 -15.40
C ASN D 31 -19.19 -2.63 -14.69
N TYR D 32 -20.17 -1.77 -14.94
CA TYR D 32 -20.18 -0.42 -14.39
C TYR D 32 -21.47 -0.17 -13.63
N LYS D 33 -21.39 0.65 -12.59
CA LYS D 33 -22.55 1.10 -11.85
C LYS D 33 -22.90 2.52 -12.29
N MET D 34 -24.18 2.75 -12.56
CA MET D 34 -24.63 4.01 -13.13
C MET D 34 -25.56 4.74 -12.17
N ASN D 35 -25.34 6.04 -12.05
CA ASN D 35 -26.09 6.90 -11.14
C ASN D 35 -27.12 7.71 -11.94
N TRP D 36 -27.75 8.67 -11.27
CA TRP D 36 -28.60 9.67 -11.90
C TRP D 36 -28.18 11.05 -11.43
N VAL D 37 -28.19 12.02 -12.34
CA VAL D 37 -27.72 13.36 -12.05
C VAL D 37 -28.84 14.34 -12.40
N ARG D 38 -29.16 15.23 -11.46
CA ARG D 38 -30.24 16.19 -11.61
C ARG D 38 -29.65 17.60 -11.62
N GLN D 39 -30.04 18.40 -12.61
CA GLN D 39 -29.55 19.77 -12.74
C GLN D 39 -30.76 20.71 -12.74
N ALA D 40 -31.04 21.30 -11.59
CA ALA D 40 -32.10 22.29 -11.48
C ALA D 40 -31.58 23.65 -11.95
N PRO D 41 -32.47 24.51 -12.49
CA PRO D 41 -32.04 25.86 -12.89
C PRO D 41 -31.50 26.64 -11.70
N GLY D 42 -30.39 27.34 -11.94
CA GLY D 42 -29.73 28.07 -10.88
C GLY D 42 -29.11 27.20 -9.81
N LYS D 43 -28.88 25.92 -10.11
CA LYS D 43 -28.35 24.97 -9.13
C LYS D 43 -27.29 24.11 -9.78
N GLY D 44 -26.44 23.52 -8.95
CA GLY D 44 -25.43 22.61 -9.41
C GLY D 44 -25.99 21.23 -9.72
N LEU D 45 -25.09 20.35 -10.16
CA LEU D 45 -25.47 18.98 -10.54
C LEU D 45 -25.75 18.18 -9.27
N GLU D 46 -27.00 17.80 -9.07
CA GLU D 46 -27.42 17.08 -7.88
C GLU D 46 -27.31 15.57 -8.11
N TRP D 47 -27.88 14.80 -7.19
CA TRP D 47 -27.87 13.34 -7.25
C TRP D 47 -29.27 12.83 -6.98
N VAL D 48 -29.62 11.71 -7.61
CA VAL D 48 -30.97 11.18 -7.49
C VAL D 48 -30.94 9.75 -6.95
N SER D 49 -30.31 8.83 -7.68
CA SER D 49 -30.40 7.43 -7.34
C SER D 49 -29.13 6.70 -7.76
N ASP D 50 -29.10 5.40 -7.49
CA ASP D 50 -27.95 4.56 -7.75
C ASP D 50 -28.41 3.15 -8.06
N ILE D 51 -27.61 2.44 -8.83
CA ILE D 51 -27.75 1.00 -9.02
C ILE D 51 -26.36 0.42 -9.20
N SER D 52 -26.12 -0.75 -8.61
CA SER D 52 -24.77 -1.31 -8.54
C SER D 52 -24.72 -2.61 -9.32
N GLN D 53 -23.90 -2.64 -10.38
CA GLN D 53 -23.66 -3.82 -11.20
C GLN D 53 -24.97 -4.44 -11.67
N SER D 54 -25.23 -5.67 -11.25
CA SER D 54 -26.49 -6.35 -11.58
C SER D 54 -27.54 -6.12 -10.51
N GLY D 55 -27.75 -4.85 -10.17
CA GLY D 55 -28.75 -4.49 -9.16
C GLY D 55 -28.48 -5.06 -7.78
N ALA D 56 -27.21 -5.16 -7.40
CA ALA D 56 -26.87 -5.72 -6.10
C ALA D 56 -27.27 -4.78 -4.96
N SER D 57 -26.92 -3.50 -5.09
CA SER D 57 -27.22 -2.50 -4.08
C SER D 57 -27.94 -1.33 -4.73
N ILE D 58 -28.94 -0.80 -4.03
CA ILE D 58 -29.78 0.28 -4.52
C ILE D 58 -29.76 1.41 -3.49
N SER D 59 -29.56 2.64 -3.96
CA SER D 59 -29.56 3.80 -3.08
C SER D 59 -30.36 4.92 -3.72
N TYR D 60 -30.99 5.75 -2.89
CA TYR D 60 -31.75 6.89 -3.37
C TYR D 60 -31.36 8.15 -2.62
N THR D 61 -32.11 9.21 -2.85
CA THR D 61 -32.02 10.45 -2.09
C THR D 61 -33.27 10.59 -1.20
N GLY D 62 -33.12 11.37 -0.13
CA GLY D 62 -34.22 11.56 0.79
C GLY D 62 -35.45 12.15 0.13
N SER D 63 -35.24 13.07 -0.81
CA SER D 63 -36.33 13.64 -1.59
C SER D 63 -36.70 12.78 -2.80
N VAL D 64 -36.06 11.62 -2.96
CA VAL D 64 -36.29 10.75 -4.10
C VAL D 64 -36.93 9.43 -3.68
N LYS D 65 -36.48 8.85 -2.57
CA LYS D 65 -36.98 7.55 -2.15
C LYS D 65 -38.46 7.59 -1.84
N GLY D 66 -39.16 6.53 -2.23
CA GLY D 66 -40.59 6.44 -2.05
C GLY D 66 -41.40 6.85 -3.26
N ARG D 67 -40.82 7.54 -4.23
CA ARG D 67 -41.52 7.95 -5.43
C ARG D 67 -40.77 7.68 -6.72
N PHE D 68 -39.46 7.42 -6.67
CA PHE D 68 -38.68 7.11 -7.85
C PHE D 68 -38.26 5.64 -7.82
N THR D 69 -38.25 5.02 -8.99
CA THR D 69 -37.81 3.64 -9.15
C THR D 69 -36.68 3.60 -10.17
N ILE D 70 -35.57 2.97 -9.78
CA ILE D 70 -34.39 2.85 -10.64
C ILE D 70 -34.38 1.43 -11.21
N SER D 71 -34.31 1.34 -12.54
CA SER D 71 -34.28 0.06 -13.22
C SER D 71 -33.17 0.06 -14.25
N ARG D 72 -32.63 -1.11 -14.52
CA ARG D 72 -31.54 -1.26 -15.48
C ARG D 72 -31.68 -2.60 -16.18
N ASP D 73 -31.18 -2.67 -17.41
CA ASP D 73 -31.31 -3.86 -18.24
C ASP D 73 -29.97 -4.09 -18.93
N ASN D 74 -29.18 -5.02 -18.39
CA ASN D 74 -27.88 -5.33 -18.99
C ASN D 74 -28.04 -5.93 -20.38
N ALA D 75 -29.05 -6.79 -20.57
CA ALA D 75 -29.30 -7.37 -21.89
C ALA D 75 -29.68 -6.30 -22.90
N LYS D 76 -30.53 -5.35 -22.50
CA LYS D 76 -30.95 -4.28 -23.39
C LYS D 76 -29.97 -3.12 -23.43
N ASN D 77 -28.98 -3.10 -22.53
CA ASN D 77 -27.95 -2.06 -22.48
C ASN D 77 -28.57 -0.66 -22.33
N THR D 78 -29.51 -0.55 -21.39
CA THR D 78 -30.13 0.74 -21.10
C THR D 78 -30.52 0.78 -19.62
N LEU D 79 -30.53 1.98 -19.06
CA LEU D 79 -30.87 2.19 -17.66
C LEU D 79 -32.13 3.04 -17.60
N TYR D 80 -33.04 2.66 -16.70
CA TYR D 80 -34.36 3.26 -16.63
C TYR D 80 -34.55 3.99 -15.31
N LEU D 81 -35.42 5.01 -15.32
CA LEU D 81 -35.86 5.68 -14.11
C LEU D 81 -37.38 5.85 -14.19
N GLN D 82 -38.10 5.16 -13.31
CA GLN D 82 -39.55 5.24 -13.27
C GLN D 82 -39.97 6.30 -12.27
N MET D 83 -40.83 7.21 -12.70
CA MET D 83 -41.30 8.33 -11.90
C MET D 83 -42.74 8.05 -11.50
N ASN D 84 -42.98 7.78 -10.21
CA ASN D 84 -44.32 7.44 -9.74
C ASN D 84 -45.07 8.67 -9.24
N SER D 85 -44.53 9.33 -8.21
CA SER D 85 -45.13 10.54 -7.67
C SER D 85 -44.29 11.74 -8.03
N LEU D 86 -44.95 12.88 -8.21
CA LEU D 86 -44.29 14.09 -8.67
C LEU D 86 -44.72 15.30 -7.86
N LYS D 87 -43.80 16.25 -7.72
CA LYS D 87 -44.07 17.58 -7.20
C LYS D 87 -43.41 18.56 -8.15
N PRO D 88 -43.90 19.81 -8.22
CA PRO D 88 -43.38 20.74 -9.22
C PRO D 88 -42.00 21.32 -8.89
N GLU D 89 -41.32 20.75 -7.90
CA GLU D 89 -39.99 21.19 -7.52
C GLU D 89 -38.87 20.31 -8.06
N ASP D 90 -39.20 19.35 -8.94
CA ASP D 90 -38.19 18.47 -9.55
C ASP D 90 -38.07 18.71 -11.05
N THR D 91 -38.41 19.91 -11.52
CA THR D 91 -38.23 20.26 -12.93
C THR D 91 -36.74 20.48 -13.19
N ALA D 92 -36.12 19.55 -13.91
CA ALA D 92 -34.68 19.61 -14.10
C ALA D 92 -34.31 18.78 -15.32
N VAL D 93 -33.00 18.59 -15.51
CA VAL D 93 -32.46 17.79 -16.60
C VAL D 93 -31.77 16.58 -16.00
N TYR D 94 -32.12 15.39 -16.47
CA TYR D 94 -31.65 14.13 -15.88
C TYR D 94 -30.48 13.60 -16.71
N TYR D 95 -29.27 13.75 -16.18
CA TYR D 95 -28.06 13.24 -16.82
C TYR D 95 -27.83 11.80 -16.37
N CYS D 96 -27.91 10.86 -17.30
CA CYS D 96 -27.64 9.46 -17.01
C CYS D 96 -26.13 9.28 -16.96
N ALA D 97 -25.58 9.09 -15.76
CA ALA D 97 -24.15 9.11 -15.54
C ALA D 97 -23.65 7.77 -15.01
N ARG D 98 -22.33 7.64 -14.93
CA ARG D 98 -21.68 6.45 -14.42
C ARG D 98 -20.32 6.85 -13.85
N CYS D 99 -19.51 5.85 -13.50
CA CYS D 99 -18.16 6.12 -13.02
C CYS D 99 -17.16 5.25 -13.75
N PRO D 100 -15.92 5.74 -13.95
CA PRO D 100 -14.99 5.05 -14.85
C PRO D 100 -14.48 3.72 -14.35
N ALA D 101 -14.52 3.45 -13.06
CA ALA D 101 -13.93 2.23 -12.53
C ALA D 101 -14.84 1.05 -12.81
N PRO D 102 -14.38 0.02 -13.53
CA PRO D 102 -15.14 -1.21 -13.66
C PRO D 102 -14.82 -2.19 -12.54
N PHE D 103 -15.80 -3.03 -12.24
CA PHE D 103 -15.70 -4.02 -11.16
C PHE D 103 -15.32 -3.36 -9.83
N THR D 104 -15.85 -2.16 -9.61
CA THR D 104 -15.54 -1.41 -8.40
C THR D 104 -16.68 -0.46 -8.05
N PRO D 105 -17.23 -0.54 -6.84
CA PRO D 105 -18.32 0.37 -6.43
C PRO D 105 -17.78 1.71 -5.90
N PHE D 106 -17.03 2.40 -6.74
CA PHE D 106 -16.43 3.69 -6.38
C PHE D 106 -16.82 4.72 -7.44
N CYS D 107 -17.97 5.35 -7.25
CA CYS D 107 -18.41 6.46 -8.10
C CYS D 107 -17.95 7.78 -7.48
N PHE D 108 -16.66 8.03 -7.54
CA PHE D 108 -16.10 9.22 -6.91
C PHE D 108 -16.51 10.53 -7.58
N ASP D 109 -16.40 10.59 -8.90
CA ASP D 109 -16.69 11.82 -9.63
C ASP D 109 -17.82 11.57 -10.61
N VAL D 110 -19.03 11.96 -10.23
CA VAL D 110 -20.19 11.78 -11.08
C VAL D 110 -20.86 13.13 -11.33
N THR D 111 -20.97 13.94 -10.27
CA THR D 111 -21.63 15.23 -10.35
C THR D 111 -20.65 16.38 -10.60
N SER D 112 -19.54 16.11 -11.28
CA SER D 112 -18.58 17.16 -11.58
C SER D 112 -19.14 18.13 -12.61
N THR D 113 -18.55 19.32 -12.66
CA THR D 113 -19.00 20.33 -13.62
C THR D 113 -18.77 19.86 -15.05
N THR D 114 -17.63 19.23 -15.31
CA THR D 114 -17.35 18.60 -16.58
C THR D 114 -17.06 17.12 -16.35
N TYR D 115 -17.58 16.27 -17.23
CA TYR D 115 -17.47 14.83 -17.03
C TYR D 115 -17.63 14.15 -18.39
N ALA D 116 -16.74 13.20 -18.68
CA ALA D 116 -16.69 12.61 -20.01
C ALA D 116 -17.83 11.62 -20.25
N TYR D 117 -18.19 10.83 -19.23
CA TYR D 117 -19.17 9.76 -19.37
C TYR D 117 -20.53 10.15 -18.82
N ARG D 118 -20.91 11.40 -19.03
CA ARG D 118 -22.21 11.88 -18.59
C ARG D 118 -22.90 12.46 -19.81
N GLY D 119 -23.87 11.74 -20.37
CA GLY D 119 -24.52 12.18 -21.58
C GLY D 119 -25.43 13.37 -21.37
N GLN D 120 -25.80 14.00 -22.48
CA GLN D 120 -26.71 15.14 -22.43
C GLN D 120 -28.13 14.65 -22.14
N GLY D 121 -28.67 15.05 -20.99
CA GLY D 121 -29.95 14.57 -20.55
C GLY D 121 -31.12 15.25 -21.23
N THR D 122 -32.32 14.88 -20.80
CA THR D 122 -33.55 15.40 -21.35
C THR D 122 -34.23 16.31 -20.34
N GLN D 123 -34.79 17.41 -20.82
CA GLN D 123 -35.46 18.36 -19.95
C GLN D 123 -36.76 17.79 -19.41
N VAL D 124 -37.02 18.03 -18.12
CA VAL D 124 -38.26 17.63 -17.46
C VAL D 124 -38.90 18.89 -16.89
N THR D 125 -40.15 19.15 -17.26
CA THR D 125 -40.86 20.34 -16.83
C THR D 125 -42.22 19.96 -16.28
N VAL D 126 -42.48 20.34 -15.03
CA VAL D 126 -43.76 20.07 -14.40
C VAL D 126 -44.68 21.28 -14.54
N LEU E 49 29.31 -40.93 48.13
CA LEU E 49 29.48 -39.49 48.20
C LEU E 49 28.23 -38.82 48.75
N ASP E 50 27.08 -39.40 48.45
CA ASP E 50 25.79 -38.84 48.84
C ASP E 50 24.75 -39.94 48.83
N CYS E 51 23.54 -39.60 49.27
CA CYS E 51 22.41 -40.51 49.14
C CYS E 51 21.77 -40.31 47.75
N TRP E 52 21.47 -41.42 47.10
CA TRP E 52 21.05 -41.35 45.71
C TRP E 52 19.57 -41.02 45.59
N PHE E 53 19.12 -40.85 44.36
CA PHE E 53 17.77 -40.40 44.03
C PHE E 53 17.02 -41.49 43.28
N ASP E 54 15.73 -41.24 43.07
CA ASP E 54 14.90 -42.13 42.27
C ASP E 54 15.33 -42.08 40.81
N GLU E 55 15.07 -43.15 40.09
CA GLU E 55 15.53 -43.30 38.71
C GLU E 55 14.41 -43.41 37.71
N ASP E 56 13.43 -44.29 37.92
CA ASP E 56 12.42 -44.58 36.91
C ASP E 56 11.40 -43.46 36.75
N PHE E 57 11.35 -42.49 37.66
CA PHE E 57 10.43 -41.37 37.52
C PHE E 57 10.94 -40.32 36.56
N LYS E 58 12.15 -40.48 36.04
CA LYS E 58 12.77 -39.56 35.09
C LYS E 58 13.17 -40.21 33.79
N PHE E 59 13.68 -41.45 33.83
CA PHE E 59 14.14 -42.13 32.63
C PHE E 59 13.01 -42.51 31.69
N ILE E 60 11.77 -42.59 32.20
CA ILE E 60 10.62 -42.93 31.37
C ILE E 60 9.89 -41.69 30.86
N LEU E 61 10.21 -40.51 31.39
CA LEU E 61 9.51 -39.28 31.05
C LEU E 61 10.38 -38.33 30.24
N LEU E 62 11.58 -38.03 30.72
CA LEU E 62 12.43 -37.04 30.04
C LEU E 62 12.83 -37.43 28.63
N PRO E 63 13.28 -38.67 28.33
CA PRO E 63 13.63 -38.98 26.93
C PRO E 63 12.48 -38.85 25.96
N VAL E 64 11.28 -39.30 26.35
CA VAL E 64 10.13 -39.24 25.45
C VAL E 64 9.73 -37.79 25.17
N SER E 65 9.63 -36.98 26.23
CA SER E 65 9.27 -35.58 26.06
C SER E 65 10.32 -34.83 25.28
N TYR E 66 11.60 -35.13 25.52
CA TYR E 66 12.67 -34.45 24.80
C TYR E 66 12.68 -34.82 23.32
N ALA E 67 12.46 -36.09 22.99
CA ALA E 67 12.38 -36.48 21.59
C ALA E 67 11.17 -35.84 20.89
N VAL E 68 10.04 -35.79 21.58
CA VAL E 68 8.84 -35.16 21.02
C VAL E 68 9.09 -33.68 20.77
N VAL E 69 9.70 -33.00 21.75
CA VAL E 69 10.01 -31.59 21.61
C VAL E 69 11.01 -31.37 20.49
N PHE E 70 11.98 -32.29 20.34
CA PHE E 70 12.97 -32.20 19.28
C PHE E 70 12.32 -32.26 17.90
N VAL E 71 11.51 -33.29 17.66
CA VAL E 71 10.90 -33.45 16.34
C VAL E 71 9.91 -32.32 16.07
N LEU E 72 9.15 -31.90 17.08
CA LEU E 72 8.23 -30.79 16.89
C LEU E 72 8.97 -29.48 16.64
N GLY E 73 10.11 -29.27 17.30
CA GLY E 73 10.87 -28.05 17.10
C GLY E 73 11.43 -27.94 15.69
N LEU E 74 12.02 -29.03 15.19
CA LEU E 74 12.45 -28.98 13.79
C LEU E 74 11.29 -29.01 12.80
N GLY E 75 10.12 -29.50 13.19
CA GLY E 75 8.97 -29.45 12.30
C GLY E 75 8.30 -28.09 12.26
N LEU E 76 8.47 -27.28 13.31
CA LEU E 76 7.76 -26.03 13.42
C LEU E 76 8.64 -24.78 13.35
N ASN E 77 9.96 -24.92 13.47
CA ASN E 77 10.86 -23.77 13.52
C ASN E 77 11.72 -23.62 12.28
N ALA E 78 12.14 -24.72 11.66
CA ALA E 78 12.94 -24.61 10.44
C ALA E 78 12.21 -23.93 9.30
N PRO E 79 10.95 -24.26 8.96
CA PRO E 79 10.29 -23.53 7.86
C PRO E 79 10.21 -22.02 8.09
N THR E 80 9.85 -21.58 9.29
CA THR E 80 9.82 -20.15 9.54
C THR E 80 11.23 -19.56 9.65
N LEU E 81 12.21 -20.37 10.07
CA LEU E 81 13.59 -19.89 10.09
C LEU E 81 14.06 -19.56 8.68
N TRP E 82 13.76 -20.42 7.70
CA TRP E 82 14.12 -20.12 6.33
C TRP E 82 13.22 -19.06 5.72
N LEU E 83 11.97 -18.96 6.18
CA LEU E 83 11.05 -17.93 5.69
C LEU E 83 11.53 -16.54 6.09
N PHE E 84 12.08 -16.40 7.30
CA PHE E 84 12.53 -15.10 7.78
C PHE E 84 13.81 -14.62 7.11
N ILE E 85 14.39 -15.40 6.20
CA ILE E 85 15.60 -14.97 5.50
C ILE E 85 15.41 -14.98 3.99
N PHE E 86 15.00 -16.11 3.40
CA PHE E 86 14.87 -16.10 1.94
C PHE E 86 13.49 -16.48 1.43
N ARG E 87 12.44 -15.91 2.02
CA ARG E 87 11.10 -16.01 1.46
C ARG E 87 10.58 -14.64 1.02
N LEU E 88 10.59 -13.65 1.92
CA LEU E 88 10.18 -12.30 1.56
C LEU E 88 11.02 -11.21 2.22
N ARG E 89 12.08 -11.58 2.96
CA ARG E 89 12.92 -10.68 3.74
C ARG E 89 12.09 -9.76 4.63
N PRO E 90 11.42 -10.30 5.67
CA PRO E 90 10.88 -9.41 6.71
C PRO E 90 11.90 -9.14 7.79
N TRP E 91 12.31 -7.88 7.97
CA TRP E 91 13.33 -7.60 8.96
C TRP E 91 13.10 -6.27 9.68
N ASP E 92 11.83 -5.91 9.89
CA ASP E 92 11.53 -4.89 10.87
C ASP E 92 11.75 -5.44 12.27
N ALA E 93 11.45 -4.62 13.29
CA ALA E 93 11.74 -5.02 14.67
C ALA E 93 10.99 -6.29 15.06
N THR E 94 9.70 -6.36 14.69
CA THR E 94 8.90 -7.54 15.04
C THR E 94 9.48 -8.80 14.40
N ALA E 95 9.75 -8.74 13.09
CA ALA E 95 10.30 -9.91 12.42
C ALA E 95 11.73 -10.20 12.88
N THR E 96 12.48 -9.17 13.26
CA THR E 96 13.82 -9.41 13.82
C THR E 96 13.73 -10.24 15.09
N TYR E 97 12.87 -9.84 16.02
CA TYR E 97 12.72 -10.58 17.27
C TYR E 97 12.17 -11.98 17.02
N MET E 98 11.21 -12.10 16.10
CA MET E 98 10.63 -13.42 15.82
C MET E 98 11.67 -14.36 15.21
N PHE E 99 12.49 -13.85 14.28
CA PHE E 99 13.54 -14.67 13.70
C PHE E 99 14.59 -15.07 14.73
N HIS E 100 14.96 -14.14 15.61
CA HIS E 100 15.95 -14.49 16.64
C HIS E 100 15.40 -15.53 17.61
N LEU E 101 14.12 -15.42 17.97
CA LEU E 101 13.52 -16.45 18.82
C LEU E 101 13.44 -17.78 18.10
N ALA E 102 13.12 -17.78 16.80
CA ALA E 102 13.09 -19.03 16.05
C ALA E 102 14.47 -19.67 15.98
N LEU E 103 15.51 -18.86 15.78
CA LEU E 103 16.87 -19.38 15.77
C LEU E 103 17.25 -19.96 17.13
N SER E 104 16.84 -19.27 18.20
CA SER E 104 17.10 -19.78 19.55
C SER E 104 16.40 -21.11 19.77
N ASP E 105 15.16 -21.24 19.31
CA ASP E 105 14.43 -22.50 19.45
C ASP E 105 15.10 -23.61 18.66
N THR E 106 15.57 -23.32 17.44
CA THR E 106 16.26 -24.33 16.65
C THR E 106 17.54 -24.79 17.34
N LEU E 107 18.31 -23.85 17.87
CA LEU E 107 19.53 -24.23 18.57
C LEU E 107 19.22 -25.03 19.84
N TYR E 108 18.16 -24.64 20.56
CA TYR E 108 17.76 -25.35 21.76
C TYR E 108 17.38 -26.79 21.44
N VAL E 109 16.59 -27.00 20.38
CA VAL E 109 16.17 -28.36 20.08
C VAL E 109 17.32 -29.16 19.46
N LEU E 110 18.25 -28.49 18.78
CA LEU E 110 19.43 -29.19 18.27
C LEU E 110 20.38 -29.58 19.40
N SER E 111 20.31 -28.90 20.53
CA SER E 111 21.10 -29.29 21.70
C SER E 111 20.56 -30.53 22.40
N LEU E 112 19.41 -31.04 22.00
CA LEU E 112 18.74 -32.13 22.70
C LEU E 112 19.29 -33.54 22.46
N PRO E 113 19.53 -33.99 21.20
CA PRO E 113 19.65 -35.45 20.97
C PRO E 113 20.70 -36.17 21.79
N THR E 114 21.85 -35.55 22.02
CA THR E 114 22.88 -36.20 22.82
C THR E 114 22.41 -36.40 24.26
N LEU E 115 21.73 -35.41 24.84
CA LEU E 115 21.23 -35.57 26.20
C LEU E 115 19.96 -36.40 26.28
N ILE E 116 19.18 -36.53 25.19
CA ILE E 116 18.15 -37.56 25.17
C ILE E 116 18.78 -38.95 25.20
N TYR E 117 19.88 -39.14 24.47
CA TYR E 117 20.62 -40.39 24.57
C TYR E 117 21.14 -40.61 25.98
N TYR E 118 21.63 -39.54 26.62
CA TYR E 118 22.10 -39.60 27.99
C TYR E 118 20.99 -40.04 28.94
N TYR E 119 19.79 -39.48 28.78
CA TYR E 119 18.70 -39.78 29.70
C TYR E 119 18.14 -41.18 29.46
N ALA E 120 18.02 -41.58 28.20
CA ALA E 120 17.51 -42.92 27.89
C ALA E 120 18.52 -44.02 28.16
N ALA E 121 19.81 -43.69 28.25
CA ALA E 121 20.84 -44.66 28.57
C ALA E 121 21.00 -44.87 30.07
N HIS E 122 20.02 -44.44 30.87
CA HIS E 122 20.04 -44.56 32.32
C HIS E 122 21.27 -43.87 32.93
N ASN E 123 21.36 -42.56 32.69
CA ASN E 123 22.41 -41.70 33.22
C ASN E 123 23.80 -42.18 32.76
N HIS E 124 24.02 -42.10 31.44
CA HIS E 124 25.28 -42.51 30.84
C HIS E 124 25.63 -41.56 29.70
N TRP E 125 26.91 -41.15 29.66
CA TRP E 125 27.40 -40.22 28.65
C TRP E 125 28.64 -40.82 27.99
N PRO E 126 28.48 -41.78 27.08
CA PRO E 126 29.66 -42.40 26.45
C PRO E 126 30.42 -41.48 25.52
N PHE E 127 29.85 -40.33 25.15
CA PHE E 127 30.45 -39.48 24.13
C PHE E 127 31.76 -38.87 24.62
N GLY E 128 31.75 -38.28 25.81
CA GLY E 128 32.95 -37.65 26.34
C GLY E 128 32.68 -36.41 27.16
N THR E 129 33.73 -35.80 27.71
CA THR E 129 33.56 -34.62 28.54
C THR E 129 33.32 -33.36 27.71
N GLU E 130 33.97 -33.25 26.54
CA GLU E 130 33.87 -32.03 25.75
C GLU E 130 32.44 -31.81 25.24
N ILE E 131 31.81 -32.86 24.74
CA ILE E 131 30.43 -32.75 24.26
C ILE E 131 29.49 -32.45 25.41
N CYS E 132 29.73 -33.07 26.58
CA CYS E 132 28.91 -32.79 27.76
C CYS E 132 28.98 -31.32 28.13
N LYS E 133 30.20 -30.78 28.22
CA LYS E 133 30.37 -29.37 28.57
C LYS E 133 29.69 -28.46 27.55
N PHE E 134 29.98 -28.67 26.27
CA PHE E 134 29.47 -27.77 25.24
C PHE E 134 27.95 -27.82 25.15
N VAL E 135 27.37 -29.01 25.20
CA VAL E 135 25.93 -29.09 24.97
C VAL E 135 25.14 -28.70 26.22
N ARG E 136 25.68 -28.93 27.43
CA ARG E 136 24.99 -28.42 28.60
C ARG E 136 25.21 -26.94 28.79
N PHE E 137 26.20 -26.34 28.11
CA PHE E 137 26.24 -24.90 27.99
C PHE E 137 25.19 -24.42 27.00
N LEU E 138 25.09 -25.09 25.85
CA LEU E 138 24.20 -24.64 24.77
C LEU E 138 22.73 -24.72 25.19
N PHE E 139 22.38 -25.75 25.97
CA PHE E 139 21.02 -25.93 26.46
C PHE E 139 20.52 -24.66 27.17
N TYR E 140 21.21 -24.27 28.24
CA TYR E 140 20.80 -23.11 29.00
C TYR E 140 21.05 -21.80 28.24
N TRP E 141 22.07 -21.76 27.38
CA TRP E 141 22.29 -20.58 26.55
C TRP E 141 21.08 -20.28 25.69
N ASN E 142 20.59 -21.30 24.97
CA ASN E 142 19.43 -21.12 24.12
C ASN E 142 18.17 -20.86 24.95
N LEU E 143 18.03 -21.54 26.09
CA LEU E 143 16.87 -21.32 26.95
C LEU E 143 16.78 -19.86 27.40
N TYR E 144 17.87 -19.33 27.95
CA TYR E 144 17.84 -17.97 28.48
C TYR E 144 17.76 -16.93 27.38
N CYS E 145 18.41 -17.16 26.23
CA CYS E 145 18.26 -16.20 25.15
C CYS E 145 16.86 -16.24 24.55
N SER E 146 16.19 -17.41 24.56
CA SER E 146 14.81 -17.47 24.12
C SER E 146 13.90 -16.69 25.07
N VAL E 147 14.11 -16.83 26.38
CA VAL E 147 13.34 -16.05 27.35
C VAL E 147 13.58 -14.55 27.14
N LEU E 148 14.83 -14.17 26.91
CA LEU E 148 15.14 -12.76 26.68
C LEU E 148 14.53 -12.25 25.38
N PHE E 149 14.43 -13.10 24.36
CA PHE E 149 13.80 -12.66 23.12
C PHE E 149 12.29 -12.53 23.27
N LEU E 150 11.67 -13.40 24.07
CA LEU E 150 10.27 -13.21 24.43
C LEU E 150 10.06 -11.88 25.16
N THR E 151 10.97 -11.55 26.08
CA THR E 151 10.88 -10.27 26.77
C THR E 151 11.08 -9.09 25.81
N CYS E 152 12.01 -9.22 24.87
CA CYS E 152 12.23 -8.17 23.88
C CYS E 152 10.99 -7.95 23.03
N ILE E 153 10.35 -9.04 22.58
CA ILE E 153 9.13 -8.90 21.77
C ILE E 153 8.00 -8.33 22.62
N SER E 154 7.95 -8.65 23.91
CA SER E 154 6.92 -8.10 24.77
C SER E 154 7.10 -6.60 24.97
N VAL E 155 8.34 -6.14 25.18
CA VAL E 155 8.59 -4.71 25.31
C VAL E 155 8.32 -3.99 23.99
N HIS E 156 8.64 -4.64 22.87
CA HIS E 156 8.33 -4.06 21.56
C HIS E 156 6.83 -3.86 21.41
N ARG E 157 6.04 -4.87 21.76
CA ARG E 157 4.59 -4.74 21.67
C ARG E 157 4.07 -3.68 22.62
N TYR E 158 4.65 -3.60 23.82
CA TYR E 158 4.21 -2.59 24.78
C TYR E 158 4.47 -1.19 24.27
N LEU E 159 5.65 -0.95 23.71
CA LEU E 159 5.95 0.35 23.13
C LEU E 159 5.03 0.66 21.96
N GLY E 160 4.79 -0.32 21.10
CA GLY E 160 3.98 -0.08 19.91
C GLY E 160 2.50 0.06 20.19
N ILE E 161 2.03 -0.40 21.33
CA ILE E 161 0.60 -0.34 21.67
C ILE E 161 0.31 0.77 22.66
N CYS E 162 1.02 0.81 23.79
CA CYS E 162 0.70 1.79 24.82
C CYS E 162 1.07 3.21 24.40
N HIS E 163 2.24 3.39 23.79
CA HIS E 163 2.71 4.69 23.31
C HIS E 163 3.14 4.56 21.86
N PRO E 164 2.19 4.48 20.93
CA PRO E 164 2.58 4.21 19.53
C PRO E 164 3.26 5.39 18.86
N LEU E 165 2.76 6.61 19.11
CA LEU E 165 3.31 7.79 18.45
C LEU E 165 4.74 8.05 18.91
N ARG E 166 5.01 7.93 20.21
CA ARG E 166 6.38 8.00 20.69
C ARG E 166 7.22 6.85 20.15
N ALA E 167 6.61 5.66 20.02
CA ALA E 167 7.33 4.48 19.59
C ALA E 167 7.89 4.64 18.18
N LEU E 168 7.12 5.22 17.27
CA LEU E 168 7.71 5.48 15.96
C LEU E 168 8.33 6.87 15.88
N ARG E 169 8.20 7.69 16.93
CA ARG E 169 9.02 8.89 17.00
C ARG E 169 10.48 8.55 17.23
N TRP E 170 10.77 7.61 18.14
CA TRP E 170 12.13 7.07 18.28
C TRP E 170 12.09 5.57 18.06
N GLY E 171 12.62 5.12 16.93
CA GLY E 171 12.64 3.70 16.62
C GLY E 171 13.38 3.38 15.34
N ARG E 172 14.03 2.22 15.31
CA ARG E 172 14.80 1.79 14.15
C ARG E 172 15.07 0.30 14.26
N PRO E 173 15.09 -0.44 13.15
CA PRO E 173 15.48 -1.85 13.22
C PRO E 173 16.92 -2.07 13.63
N ARG E 174 17.77 -1.04 13.51
CA ARG E 174 19.14 -1.16 14.02
C ARG E 174 19.15 -1.35 15.52
N LEU E 175 18.23 -0.70 16.23
CA LEU E 175 18.09 -0.92 17.67
C LEU E 175 17.71 -2.36 17.96
N ALA E 176 16.81 -2.94 17.15
CA ALA E 176 16.42 -4.33 17.34
C ALA E 176 17.60 -5.27 17.11
N GLY E 177 18.38 -5.03 16.05
CA GLY E 177 19.53 -5.87 15.79
C GLY E 177 20.58 -5.77 16.88
N LEU E 178 20.86 -4.55 17.35
CA LEU E 178 21.81 -4.38 18.43
C LEU E 178 21.32 -5.02 19.72
N LEU E 179 20.02 -4.94 19.99
CA LEU E 179 19.46 -5.58 21.18
C LEU E 179 19.61 -7.08 21.11
N CYS E 180 19.33 -7.68 19.95
CA CYS E 180 19.48 -9.14 19.81
C CYS E 180 20.94 -9.56 19.94
N LEU E 181 21.86 -8.81 19.33
CA LEU E 181 23.28 -9.12 19.45
C LEU E 181 23.73 -9.01 20.90
N ALA E 182 23.29 -7.97 21.60
CA ALA E 182 23.63 -7.82 23.01
C ALA E 182 23.05 -8.94 23.85
N VAL E 183 21.86 -9.41 23.50
CA VAL E 183 21.25 -10.53 24.23
C VAL E 183 22.10 -11.79 24.09
N TRP E 184 22.46 -12.12 22.84
CA TRP E 184 23.31 -13.29 22.61
C TRP E 184 24.62 -13.17 23.38
N LEU E 185 25.28 -12.01 23.27
CA LEU E 185 26.58 -11.84 23.91
C LEU E 185 26.50 -11.90 25.43
N VAL E 186 25.47 -11.27 26.01
CA VAL E 186 25.34 -11.24 27.46
C VAL E 186 25.03 -12.63 28.00
N VAL E 187 24.14 -13.37 27.34
CA VAL E 187 23.83 -14.71 27.82
C VAL E 187 25.04 -15.62 27.71
N ALA E 188 25.79 -15.54 26.59
CA ALA E 188 27.01 -16.33 26.46
C ALA E 188 28.02 -15.96 27.54
N GLY E 189 28.20 -14.66 27.80
CA GLY E 189 29.16 -14.24 28.80
C GLY E 189 28.79 -14.68 30.20
N CYS E 190 27.50 -14.63 30.55
CA CYS E 190 27.10 -15.01 31.90
C CYS E 190 26.98 -16.51 32.09
N LEU E 191 26.91 -17.29 31.01
CA LEU E 191 27.05 -18.73 31.11
C LEU E 191 28.43 -19.23 30.71
N VAL E 192 29.40 -18.33 30.55
CA VAL E 192 30.80 -18.73 30.56
C VAL E 192 31.15 -19.64 31.74
N PRO E 193 30.77 -19.33 32.99
CA PRO E 193 31.10 -20.26 34.09
C PRO E 193 30.46 -21.63 33.95
N ASN E 194 29.39 -21.76 33.15
CA ASN E 194 28.77 -23.05 32.96
C ASN E 194 29.73 -24.03 32.32
N LEU E 195 30.58 -23.54 31.40
CA LEU E 195 31.55 -24.41 30.75
C LEU E 195 32.50 -25.03 31.75
N PHE E 196 32.96 -24.25 32.72
CA PHE E 196 33.82 -24.79 33.77
C PHE E 196 33.04 -25.65 34.75
N PHE E 197 31.73 -25.40 34.90
CA PHE E 197 30.96 -26.09 35.92
C PHE E 197 30.51 -27.48 35.49
N VAL E 198 29.86 -27.61 34.34
CA VAL E 198 29.35 -28.91 33.92
C VAL E 198 30.52 -29.84 33.64
N THR E 199 30.62 -30.93 34.40
CA THR E 199 31.76 -31.83 34.32
C THR E 199 31.26 -33.25 34.26
N THR E 200 32.16 -34.16 33.90
CA THR E 200 31.87 -35.58 33.80
C THR E 200 32.57 -36.32 34.93
N SER E 201 31.81 -37.13 35.66
CA SER E 201 32.34 -37.88 36.80
C SER E 201 31.91 -39.33 36.71
N ASN E 202 32.71 -40.21 37.31
CA ASN E 202 32.43 -41.64 37.38
C ASN E 202 32.25 -42.00 38.86
N LYS E 203 31.02 -41.91 39.34
CA LYS E 203 30.71 -42.16 40.74
C LYS E 203 29.85 -43.39 40.95
N GLY E 204 28.68 -43.45 40.33
CA GLY E 204 27.81 -44.60 40.48
C GLY E 204 27.74 -45.43 39.22
N THR E 205 27.65 -44.77 38.08
CA THR E 205 27.70 -45.41 36.78
C THR E 205 29.10 -45.28 36.21
N THR E 206 29.29 -45.80 34.99
CA THR E 206 30.59 -45.69 34.35
C THR E 206 30.93 -44.23 34.04
N VAL E 207 29.95 -43.46 33.54
CA VAL E 207 30.14 -42.06 33.21
C VAL E 207 28.86 -41.31 33.54
N LEU E 208 29.00 -40.17 34.23
CA LEU E 208 27.90 -39.24 34.49
C LEU E 208 28.26 -37.89 33.90
N CYS E 209 27.25 -37.15 33.44
CA CYS E 209 27.44 -35.79 32.91
C CYS E 209 26.62 -34.85 33.78
N HIS E 210 27.28 -34.26 34.78
CA HIS E 210 26.59 -33.48 35.81
C HIS E 210 26.06 -32.18 35.23
N ASP E 211 24.75 -31.95 35.34
CA ASP E 211 24.19 -30.67 34.92
C ASP E 211 24.68 -29.54 35.82
N THR E 212 24.73 -29.80 37.13
CA THR E 212 25.44 -28.91 38.05
C THR E 212 26.92 -29.27 38.01
N THR E 213 27.69 -28.77 38.95
CA THR E 213 29.10 -29.11 39.03
C THR E 213 29.26 -30.43 39.80
N ARG E 214 30.50 -30.75 40.16
CA ARG E 214 30.76 -31.92 40.97
C ARG E 214 30.16 -31.74 42.36
N PRO E 215 29.87 -32.84 43.06
CA PRO E 215 29.30 -32.71 44.41
C PRO E 215 30.19 -31.95 45.38
N GLU E 216 31.50 -31.95 45.18
CA GLU E 216 32.41 -31.20 46.04
C GLU E 216 32.46 -29.72 45.68
N GLU E 217 31.84 -29.30 44.58
CA GLU E 217 31.80 -27.91 44.16
C GLU E 217 30.37 -27.53 43.80
N PHE E 218 29.44 -27.87 44.70
CA PHE E 218 28.06 -27.46 44.51
C PHE E 218 27.75 -26.10 45.11
N ASP E 219 28.53 -25.66 46.11
CA ASP E 219 28.30 -24.35 46.69
C ASP E 219 28.60 -23.23 45.71
N HIS E 220 29.54 -23.47 44.78
CA HIS E 220 29.79 -22.49 43.72
C HIS E 220 28.66 -22.50 42.70
N TYR E 221 28.19 -23.70 42.31
CA TYR E 221 27.18 -23.76 41.27
C TYR E 221 25.84 -23.26 41.75
N VAL E 222 25.48 -23.48 43.02
CA VAL E 222 24.19 -22.97 43.48
C VAL E 222 24.18 -21.45 43.43
N HIS E 223 25.29 -20.81 43.82
CA HIS E 223 25.39 -19.36 43.73
C HIS E 223 25.33 -18.89 42.28
N PHE E 224 26.10 -19.53 41.40
CA PHE E 224 26.13 -19.11 40.00
C PHE E 224 24.78 -19.28 39.34
N SER E 225 24.17 -20.46 39.50
CA SER E 225 22.88 -20.75 38.88
C SER E 225 21.79 -19.86 39.45
N SER E 226 21.81 -19.62 40.77
CA SER E 226 20.82 -18.72 41.35
C SER E 226 20.98 -17.31 40.81
N ALA E 227 22.23 -16.84 40.64
CA ALA E 227 22.44 -15.49 40.12
C ALA E 227 21.94 -15.37 38.69
N VAL E 228 22.35 -16.29 37.80
CA VAL E 228 21.96 -16.16 36.40
C VAL E 228 20.47 -16.40 36.25
N MET E 229 19.90 -17.32 37.03
CA MET E 229 18.47 -17.57 36.99
C MET E 229 17.68 -16.35 37.44
N GLY E 230 18.07 -15.78 38.58
CA GLY E 230 17.41 -14.57 39.04
C GLY E 230 17.45 -13.46 38.01
N LEU E 231 18.64 -13.16 37.49
CA LEU E 231 18.74 -12.10 36.48
C LEU E 231 17.92 -12.44 35.24
N LEU E 232 18.38 -13.45 34.48
CA LEU E 232 17.87 -13.77 33.16
C LEU E 232 16.53 -14.47 33.15
N PHE E 233 15.89 -14.68 34.30
CA PHE E 233 14.48 -15.02 34.30
C PHE E 233 13.64 -13.98 35.02
N GLY E 234 13.98 -13.64 36.26
CA GLY E 234 13.15 -12.75 37.03
C GLY E 234 13.01 -11.38 36.38
N VAL E 235 14.09 -10.83 35.84
CA VAL E 235 13.92 -9.50 35.23
C VAL E 235 13.17 -9.67 33.90
N PRO E 236 13.52 -10.62 33.03
CA PRO E 236 12.62 -10.92 31.90
C PRO E 236 11.20 -11.27 32.29
N CYS E 237 10.97 -12.08 33.33
CA CYS E 237 9.62 -12.51 33.64
C CYS E 237 8.77 -11.34 34.15
N LEU E 238 9.33 -10.55 35.08
CA LEU E 238 8.60 -9.39 35.58
C LEU E 238 8.37 -8.37 34.47
N VAL E 239 9.37 -8.13 33.62
CA VAL E 239 9.22 -7.17 32.55
C VAL E 239 8.13 -7.63 31.58
N THR E 240 8.14 -8.90 31.20
CA THR E 240 7.13 -9.43 30.27
C THR E 240 5.74 -9.38 30.88
N LEU E 241 5.60 -9.80 32.13
CA LEU E 241 4.30 -9.78 32.78
C LEU E 241 3.76 -8.36 32.91
N VAL E 242 4.61 -7.42 33.31
CA VAL E 242 4.19 -6.03 33.46
C VAL E 242 3.77 -5.46 32.12
N CYS E 243 4.58 -5.69 31.08
CA CYS E 243 4.26 -5.13 29.76
C CYS E 243 2.98 -5.71 29.20
N TYR E 244 2.79 -7.03 29.32
CA TYR E 244 1.59 -7.66 28.77
C TYR E 244 0.35 -7.23 29.55
N GLY E 245 0.46 -7.12 30.87
CA GLY E 245 -0.67 -6.64 31.65
C GLY E 245 -1.02 -5.19 31.33
N LEU E 246 -0.01 -4.35 31.13
CA LEU E 246 -0.27 -2.95 30.79
C LEU E 246 -0.93 -2.83 29.42
N MET E 247 -0.48 -3.61 28.45
CA MET E 247 -1.09 -3.55 27.13
C MET E 247 -2.51 -4.11 27.16
N ALA E 248 -2.76 -5.14 27.97
CA ALA E 248 -4.11 -5.66 28.10
C ALA E 248 -5.03 -4.65 28.77
N ARG E 249 -4.52 -3.94 29.77
CA ARG E 249 -5.29 -2.88 30.42
C ARG E 249 -5.61 -1.77 29.43
N ARG E 250 -4.64 -1.39 28.60
CA ARG E 250 -4.91 -0.38 27.58
C ARG E 250 -5.93 -0.85 26.56
N LEU E 251 -5.85 -2.12 26.15
CA LEU E 251 -6.77 -2.64 25.14
C LEU E 251 -8.18 -2.83 25.69
N TYR E 252 -8.31 -3.07 27.00
CA TYR E 252 -9.63 -3.35 27.57
C TYR E 252 -10.55 -2.14 27.50
N GLN E 253 -10.07 -0.98 27.96
CA GLN E 253 -10.92 0.19 28.08
C GLN E 253 -11.13 0.85 26.72
N PRO E 254 -12.36 1.05 26.27
CA PRO E 254 -12.59 1.76 25.01
C PRO E 254 -12.47 3.27 25.15
N LEU E 255 -11.36 3.82 24.68
CA LEU E 255 -11.10 5.25 24.66
C LEU E 255 -11.73 6.01 23.49
N PRO E 256 -11.58 5.56 22.21
CA PRO E 256 -11.88 6.46 21.08
C PRO E 256 -13.35 6.77 20.88
N GLY E 257 -13.62 7.55 19.83
CA GLY E 257 -14.98 7.90 19.44
C GLY E 257 -15.76 6.74 18.86
N SER E 258 -15.35 6.25 17.69
CA SER E 258 -16.04 5.14 17.04
C SER E 258 -15.06 4.17 16.42
N ALA E 259 -13.96 3.88 17.10
CA ALA E 259 -13.13 2.73 16.74
C ALA E 259 -13.50 1.51 17.55
N GLN E 260 -14.79 1.19 17.56
CA GLN E 260 -15.31 0.04 18.31
C GLN E 260 -15.28 -1.18 17.41
N SER E 261 -14.53 -2.20 17.84
CA SER E 261 -14.28 -3.37 17.00
C SER E 261 -13.98 -4.56 17.88
N SER E 262 -13.99 -5.74 17.25
CA SER E 262 -13.58 -6.98 17.90
C SER E 262 -12.07 -7.18 17.88
N SER E 263 -11.32 -6.24 17.29
CA SER E 263 -9.87 -6.32 17.31
C SER E 263 -9.32 -6.23 18.73
N ARG E 264 -9.88 -5.33 19.53
CA ARG E 264 -9.44 -5.17 20.91
C ARG E 264 -9.80 -6.35 21.80
N LEU E 265 -10.68 -7.24 21.34
CA LEU E 265 -10.99 -8.47 22.08
C LEU E 265 -10.20 -9.66 21.56
N ARG E 266 -10.02 -9.78 20.24
CA ARG E 266 -9.19 -10.84 19.69
C ARG E 266 -7.75 -10.69 20.13
N SER E 267 -7.23 -9.45 20.11
CA SER E 267 -5.87 -9.23 20.60
C SER E 267 -5.77 -9.49 22.09
N LEU E 268 -6.82 -9.19 22.85
CA LEU E 268 -6.82 -9.48 24.29
C LEU E 268 -6.76 -10.98 24.54
N ARG E 269 -7.53 -11.75 23.77
CA ARG E 269 -7.47 -13.21 23.91
C ARG E 269 -6.09 -13.74 23.53
N THR E 270 -5.50 -13.20 22.46
CA THR E 270 -4.16 -13.63 22.06
C THR E 270 -3.13 -13.30 23.13
N ILE E 271 -3.22 -12.11 23.73
CA ILE E 271 -2.29 -11.71 24.78
C ILE E 271 -2.45 -12.60 26.01
N ALA E 272 -3.70 -12.90 26.38
CA ALA E 272 -3.93 -13.78 27.52
C ALA E 272 -3.37 -15.18 27.27
N VAL E 273 -3.57 -15.70 26.06
CA VAL E 273 -3.04 -17.02 25.72
C VAL E 273 -1.52 -17.01 25.76
N VAL E 274 -0.90 -15.98 25.20
CA VAL E 274 0.57 -15.90 25.17
C VAL E 274 1.12 -15.82 26.59
N LEU E 275 0.52 -14.97 27.42
CA LEU E 275 0.98 -14.82 28.80
C LEU E 275 0.82 -16.11 29.58
N THR E 276 -0.32 -16.80 29.41
CA THR E 276 -0.55 -18.06 30.12
C THR E 276 0.45 -19.12 29.68
N VAL E 277 0.72 -19.21 28.37
CA VAL E 277 1.67 -20.20 27.87
C VAL E 277 3.07 -19.92 28.40
N PHE E 278 3.49 -18.66 28.36
CA PHE E 278 4.81 -18.28 28.86
C PHE E 278 4.94 -18.61 30.34
N ALA E 279 3.91 -18.26 31.12
CA ALA E 279 3.96 -18.53 32.56
C ALA E 279 4.03 -20.02 32.84
N VAL E 280 3.11 -20.80 32.27
CA VAL E 280 3.07 -22.24 32.54
C VAL E 280 4.28 -22.95 31.98
N CYS E 281 4.99 -22.37 31.01
CA CYS E 281 6.19 -23.00 30.49
C CYS E 281 7.41 -22.70 31.35
N PHE E 282 7.57 -21.46 31.81
CA PHE E 282 8.83 -21.05 32.42
C PHE E 282 8.77 -20.89 33.93
N VAL E 283 7.68 -20.36 34.49
CA VAL E 283 7.64 -20.09 35.92
C VAL E 283 7.74 -21.35 36.78
N PRO E 284 6.94 -22.42 36.54
CA PRO E 284 7.12 -23.62 37.37
C PRO E 284 8.48 -24.28 37.20
N PHE E 285 9.08 -24.23 36.02
CA PHE E 285 10.40 -24.81 35.81
C PHE E 285 11.43 -24.15 36.72
N HIS E 286 11.46 -22.81 36.72
CA HIS E 286 12.44 -22.11 37.52
C HIS E 286 12.12 -22.18 39.01
N ILE E 287 10.83 -22.20 39.37
CA ILE E 287 10.47 -22.32 40.78
C ILE E 287 10.89 -23.68 41.33
N THR E 288 10.59 -24.75 40.58
CA THR E 288 11.02 -26.08 40.99
C THR E 288 12.53 -26.21 40.96
N ARG E 289 13.20 -25.54 40.03
CA ARG E 289 14.66 -25.55 39.99
C ARG E 289 15.25 -24.91 41.24
N THR E 290 14.71 -23.76 41.64
CA THR E 290 15.14 -23.13 42.88
C THR E 290 14.91 -24.04 44.07
N ILE E 291 13.73 -24.65 44.15
CA ILE E 291 13.39 -25.50 45.30
C ILE E 291 14.33 -26.69 45.37
N TYR E 292 14.59 -27.32 44.21
CA TYR E 292 15.47 -28.49 44.17
C TYR E 292 16.91 -28.13 44.54
N TYR E 293 17.42 -27.02 44.00
CA TYR E 293 18.80 -26.65 44.27
C TYR E 293 18.98 -26.21 45.72
N LEU E 294 18.00 -25.50 46.29
CA LEU E 294 18.05 -25.17 47.70
C LEU E 294 17.94 -26.41 48.58
N ALA E 295 17.12 -27.38 48.16
CA ALA E 295 17.00 -28.62 48.93
C ALA E 295 18.33 -29.37 48.95
N ARG E 296 19.03 -29.41 47.81
CA ARG E 296 20.34 -30.04 47.78
C ARG E 296 21.35 -29.25 48.60
N LEU E 297 21.30 -27.92 48.53
CA LEU E 297 22.25 -27.09 49.26
C LEU E 297 22.08 -27.24 50.78
N LEU E 298 20.83 -27.31 51.25
CA LEU E 298 20.59 -27.50 52.67
C LEU E 298 20.89 -28.92 53.13
N GLU E 299 21.14 -29.85 52.21
CA GLU E 299 21.45 -31.25 52.52
C GLU E 299 20.37 -31.88 53.41
N ALA E 300 19.12 -31.69 53.00
CA ALA E 300 18.00 -32.19 53.78
C ALA E 300 17.89 -33.70 53.67
N ASP E 301 16.86 -34.25 54.31
CA ASP E 301 16.62 -35.69 54.25
C ASP E 301 16.27 -36.11 52.83
N CYS E 302 16.60 -37.36 52.50
CA CYS E 302 16.49 -37.83 51.12
C CYS E 302 15.05 -37.93 50.64
N ARG E 303 14.06 -37.96 51.54
CA ARG E 303 12.68 -38.04 51.12
C ARG E 303 12.24 -36.76 50.39
N VAL E 304 12.49 -35.61 51.01
CA VAL E 304 12.12 -34.35 50.36
C VAL E 304 13.01 -34.11 49.15
N LEU E 305 14.24 -34.61 49.16
CA LEU E 305 15.11 -34.49 47.99
C LEU E 305 14.56 -35.29 46.82
N ASN E 306 14.06 -36.51 47.08
CA ASN E 306 13.41 -37.28 46.03
C ASN E 306 12.16 -36.59 45.52
N ILE E 307 11.37 -36.01 46.43
CA ILE E 307 10.13 -35.34 46.03
C ILE E 307 10.43 -34.16 45.12
N VAL E 308 11.38 -33.31 45.53
CA VAL E 308 11.70 -32.13 44.72
C VAL E 308 12.40 -32.53 43.44
N ASN E 309 13.15 -33.63 43.44
CA ASN E 309 13.71 -34.14 42.20
C ASN E 309 12.61 -34.50 41.22
N VAL E 310 11.58 -35.21 41.70
CA VAL E 310 10.49 -35.62 40.82
C VAL E 310 9.74 -34.41 40.28
N VAL E 311 9.45 -33.42 41.14
CA VAL E 311 8.72 -32.25 40.64
C VAL E 311 9.57 -31.45 39.65
N TYR E 312 10.90 -31.38 39.86
CA TYR E 312 11.74 -30.67 38.90
C TYR E 312 11.81 -31.41 37.57
N LYS E 313 11.95 -32.73 37.59
CA LYS E 313 12.05 -33.47 36.34
C LYS E 313 10.72 -33.57 35.61
N VAL E 314 9.59 -33.36 36.31
CA VAL E 314 8.32 -33.29 35.59
C VAL E 314 7.99 -31.87 35.12
N THR E 315 8.58 -30.84 35.74
CA THR E 315 8.43 -29.50 35.19
C THR E 315 9.42 -29.21 34.07
N ARG E 316 10.46 -30.04 33.93
CA ARG E 316 11.39 -29.87 32.82
C ARG E 316 10.75 -29.99 31.43
N PRO E 317 9.89 -30.98 31.14
CA PRO E 317 9.24 -30.99 29.82
C PRO E 317 8.38 -29.78 29.55
N LEU E 318 7.81 -29.17 30.61
CA LEU E 318 7.05 -27.94 30.42
C LEU E 318 7.94 -26.82 29.91
N ALA E 319 9.16 -26.72 30.45
CA ALA E 319 10.11 -25.73 29.94
C ALA E 319 10.55 -26.06 28.52
N SER E 320 10.73 -27.35 28.23
CA SER E 320 11.19 -27.75 26.91
C SER E 320 10.12 -27.50 25.84
N ALA E 321 8.85 -27.62 26.19
CA ALA E 321 7.76 -27.48 25.22
C ALA E 321 7.62 -26.06 24.67
N ASN E 322 8.28 -25.08 25.28
CA ASN E 322 8.18 -23.71 24.79
C ASN E 322 8.84 -23.55 23.42
N SER E 323 9.87 -24.35 23.13
CA SER E 323 10.52 -24.28 21.83
C SER E 323 9.58 -24.64 20.70
N CYS E 324 8.61 -25.52 20.98
CA CYS E 324 7.61 -25.87 19.99
C CYS E 324 6.38 -24.96 20.07
N LEU E 325 6.07 -24.46 21.27
CA LEU E 325 4.89 -23.60 21.43
C LEU E 325 5.11 -22.18 20.92
N ASP E 326 6.37 -21.72 20.82
CA ASP E 326 6.63 -20.37 20.33
C ASP E 326 6.18 -20.14 18.89
N PRO E 327 6.48 -21.02 17.92
CA PRO E 327 5.99 -20.75 16.56
C PRO E 327 4.47 -20.77 16.44
N VAL E 328 3.80 -21.73 17.07
CA VAL E 328 2.36 -21.88 16.94
C VAL E 328 1.63 -20.78 17.69
N LEU E 329 2.39 -19.95 18.42
CA LEU E 329 1.83 -18.84 19.16
C LEU E 329 2.12 -17.50 18.49
N TYR E 330 3.38 -17.23 18.17
CA TYR E 330 3.75 -15.93 17.61
C TYR E 330 3.68 -15.89 16.09
N LEU E 331 3.90 -17.01 15.41
CA LEU E 331 3.90 -17.06 13.96
C LEU E 331 2.54 -17.38 13.36
N LEU E 332 1.53 -17.68 14.18
CA LEU E 332 0.22 -18.00 13.63
C LEU E 332 -0.61 -16.74 13.36
N THR E 333 -0.96 -16.01 14.41
CA THR E 333 -1.96 -14.97 14.31
C THR E 333 -1.45 -13.79 13.48
N GLY E 334 -2.35 -13.20 12.69
CA GLY E 334 -2.04 -11.99 11.96
C GLY E 334 -1.71 -12.21 10.50
N ASP E 335 -0.87 -11.33 9.94
CA ASP E 335 -0.45 -11.44 8.55
C ASP E 335 0.40 -12.68 8.31
N LYS E 336 1.02 -13.22 9.35
CA LYS E 336 1.80 -14.44 9.19
C LYS E 336 0.94 -15.64 8.84
N TYR E 337 -0.36 -15.57 9.09
CA TYR E 337 -1.24 -16.63 8.63
C TYR E 337 -1.21 -16.63 7.12
N ARG E 338 -1.43 -15.46 6.52
CA ARG E 338 -1.42 -15.35 5.07
C ARG E 338 -0.05 -15.66 4.50
N ARG E 339 1.02 -15.24 5.18
CA ARG E 339 2.37 -15.51 4.70
C ARG E 339 2.64 -17.01 4.64
N GLN E 340 2.30 -17.74 5.71
CA GLN E 340 2.53 -19.18 5.73
C GLN E 340 1.59 -19.91 4.78
N LEU E 341 0.36 -19.41 4.61
CA LEU E 341 -0.54 -20.03 3.64
C LEU E 341 -0.02 -19.87 2.22
N ARG E 342 0.55 -18.70 1.90
CA ARG E 342 1.11 -18.49 0.57
C ARG E 342 2.38 -19.31 0.38
N GLN E 343 3.22 -19.41 1.41
CA GLN E 343 4.47 -20.15 1.29
C GLN E 343 4.30 -21.66 1.46
N LEU E 344 3.12 -22.12 1.83
CA LEU E 344 2.87 -23.56 1.98
C LEU E 344 2.82 -24.25 0.62
PA UTP F . 23.00 -33.51 38.59
O1A UTP F . 22.99 -32.98 39.99
O2A UTP F . 24.41 -33.49 38.07
O3A UTP F . 22.06 -32.60 37.69
O5' UTP F . 22.40 -35.04 38.55
PB UTP F . 20.48 -32.70 37.79
O1B UTP F . 19.85 -31.59 36.99
O2B UTP F . 20.07 -32.57 39.23
O3B UTP F . 19.99 -34.10 37.24
PG UTP F . 20.14 -34.57 35.68
O1G UTP F . 19.46 -35.90 35.48
O2G UTP F . 19.51 -33.54 34.79
O3G UTP F . 21.60 -34.71 35.34
C5' UTP F . 23.15 -36.05 37.96
C4' UTP F . 22.86 -37.34 38.71
O4' UTP F . 23.23 -37.17 40.11
C1' UTP F . 22.25 -37.82 40.88
C2' UTP F . 20.94 -37.60 40.14
O2' UTP F . 20.06 -38.69 40.40
C3' UTP F . 21.35 -37.61 38.69
O3' UTP F . 21.09 -38.89 38.12
N1 UTP F . 22.22 -37.27 42.17
C6 UTP F . 22.65 -36.00 42.39
C2 UTP F . 21.75 -38.00 43.21
O2 UTP F . 21.38 -39.12 43.02
N3 UTP F . 21.72 -37.48 44.46
C4 UTP F . 22.13 -36.24 44.68
O4 UTP F . 22.10 -35.78 45.82
C5 UTP F . 22.60 -35.48 43.64
#